data_9JWN
#
_entry.id   9JWN
#
_cell.length_a   1.00
_cell.length_b   1.00
_cell.length_c   1.00
_cell.angle_alpha   90.00
_cell.angle_beta   90.00
_cell.angle_gamma   90.00
#
_symmetry.space_group_name_H-M   'P 1'
#
loop_
_entity.id
_entity.type
_entity.pdbx_description
1 polymer 'DNA (13-mer)'
2 polymer 'RNA (125-mer)'
3 polymer 'DNA (43-mer)'
4 polymer 'CRISPR-associated endonuclease Cas9'
5 water water
#
loop_
_entity_poly.entity_id
_entity_poly.type
_entity_poly.pdbx_seq_one_letter_code
_entity_poly.pdbx_strand_id
1 'polydeoxyribonucleotide' (DT)(DG)(DT)(DG)(DT)(DA)(DT)(DA)(DT)(DT)(DG)(DC)(DA) D
2 'polyribonucleotide'
;UGCAAGACAUAGAAAUAACCUGGUUUGAGUGUCUUGUUAAUUGAAAAAUUAACAAGAUGAGUUCAAAUCAGGCUCCUAGA
GAGAUCCGAACUUACCUUCAUGGCGGGCAUUGUGCCCUUUUUUUU
;
B
3 'polydeoxyribonucleotide'
;(DT)(DG)(DC)(DA)(DA)(DT)(DA)(DT)(DA)(DC)(DA)(DC)(DA)(DG)(DG)(DT)(DT)(DA)(DT)(DT)
(DT)(DC)(DT)(DA)(DT)(DG)(DT)(DC)(DT)(DT)(DG)(DC)(DA)(DG)(DT)(DG)(DA)(DA)(DG)(DT)
(DG)(DT)(DT)
;
C
4 'polypeptide(L)'
;MCTKESEKLNKNADYYIGLDMGTSSAGWAVSDSEYNLIRRKGKDLWGVRQFEEAKTAAERRGFRVARRRKQRQQVRNRLL
SEEFQNEITKIDSGFLKRMEDSRFVISDKRVPEKYTLFNDSGYTDVEYYNQYPTIYHLRKALIESNERFDIRLVFLGIHS
LFQHPGHFLDKGDVDTDNTGPEELIQFLEDCMNEIQISIPLVSNQKVLTDILTDSRITRRDKEQQILEILQPNKESKKAV
SQFVKVLTGQKAKLGDLIMMEDKDTEEYKYSFSFREKTLEEILPDIEGVIDGLALEYIESIYSLYSWSLLNSYMKDTLTG
HYYSYLAEARVAAYDKHHSDLVKLKTLFREYIPEEYDNFFRKMEKANYSHYIGSTEYDGEKRCRTAKAKQEDFYKSINKM
LEKIPECSEKTEIQKEIIEGTFLLKQTGPQNGFVPNQLQLKELRKILQNASKHYPFLTEKDERDMTAIDRIEALFSFRIP
YYIGPLKNTDNQGHGWAVRRDGHEQIPVRPWNFEEIIDESASADLFIKNLVNSCTYLRTEKVLPKSSLLYQEFEVLNELN
NLRINGMYPDEIQPGLKRMIFEQCFYSGKKVTGKKLQLFLRSVLTNSSTEEFVLTGIDKDFKSSLSSYKKFCELFGVKTL
NDTQKVMAEQIIEWSTVYGDSRKFLKRKLEDNYPELTDQQIRRIAGFKFSEWGNLSRAFLEMEGYKDEAGNPVTIIRALR
DTQKNLMQLLSNDSAFAKKLQELNDYVTRDIWSIEPDDLDGMYLSAPVRRMIWQTFLILREVVDTIGYSPKKIFMEMARG
EQEKKRTASRKKQLIDLYKEAGMKNDELFGDLESLEEAQLRSKKLYLYFRQMGRDIYSGKLIDFMDVLHGNRYDIDAIHP
QSKKKDDSLENNLVLTSKDFNNHIKQDVYPIPEQIQSRQKGFWAMLLKQGFMSQEKYNRLMRTTPFTDEELAEFVNRQLV
ETRQGTKAIISLINQCFPDSEVVYVKAGNTSDFRQRFDIPKSRDLNNYHHAVDAYLNIVVGNVYDTKFTKNPINFIKKMR
KSGNLHSYSLRRMYDFNVQRGDQTAWVAENDTTLKTVKKTAFKTSPMVTKRTYERKGGLADSVLIAAKKAKPGVHLPVKT
SDSRFANQVSTYGGYDNVKGSHFFLVEHQQKKKTIRSIENVPIHLKEKLKTKEELEHYCAQVLGMVQPDVRLTRIPMYSL
LLIDGYYYYLTGRTGGNLSLSNAVELCLPAKEQAHIRMISKIAGGRSTDALSAEAKDDFRKKNLRLYDELAEKHRSTIFS
KRKNPIGPKLLKYREAFVKQTIENQCKVILQILKLTSTNCKTSADLKLIGGSGQEGVMSISKLLRAEKYAEFYLICQSPS
GIYETRKNLLTI
;
A
#
# COMPACT_ATOMS: atom_id res chain seq x y z
N ASN D 12 30.61 -38.59 7.04
CA ASN D 12 31.27 -39.02 8.28
C ASN D 12 30.41 -38.73 9.49
N ALA D 13 30.92 -37.92 10.40
CA ALA D 13 30.19 -37.55 11.62
C ALA D 13 29.16 -36.49 11.27
N ASP D 14 27.88 -36.84 11.42
CA ASP D 14 26.81 -35.93 11.04
C ASP D 14 26.84 -34.67 11.90
N TYR D 15 26.60 -33.54 11.27
CA TYR D 15 26.61 -32.24 11.93
C TYR D 15 25.21 -31.66 12.00
N TYR D 16 25.08 -30.55 12.72
CA TYR D 16 23.81 -29.88 12.92
C TYR D 16 23.90 -28.44 12.45
N ILE D 17 22.76 -27.87 12.09
CA ILE D 17 22.66 -26.46 11.72
C ILE D 17 21.54 -25.84 12.54
N GLY D 18 21.85 -24.73 13.21
CA GLY D 18 20.87 -23.97 13.95
C GLY D 18 20.67 -22.63 13.27
N LEU D 19 19.43 -22.14 13.29
CA LEU D 19 19.10 -20.90 12.62
C LEU D 19 18.26 -20.02 13.53
N ASP D 20 18.49 -18.71 13.46
CA ASP D 20 17.70 -17.69 14.15
C ASP D 20 17.22 -16.74 13.07
N MET D 21 16.09 -17.06 12.48
CA MET D 21 15.64 -16.36 11.28
C MET D 21 14.71 -15.20 11.64
N GLY D 22 15.02 -14.04 11.08
CA GLY D 22 14.28 -12.83 11.39
C GLY D 22 14.14 -11.95 10.18
N THR D 23 13.20 -11.03 10.26
CA THR D 23 12.83 -10.23 9.09
C THR D 23 13.92 -9.28 8.64
N SER D 24 14.89 -8.97 9.52
CA SER D 24 15.98 -8.08 9.15
C SER D 24 17.36 -8.71 9.25
N SER D 25 17.45 -9.95 9.75
CA SER D 25 18.73 -10.62 9.87
C SER D 25 18.48 -12.11 10.09
N ALA D 26 19.35 -12.93 9.53
CA ALA D 26 19.28 -14.38 9.68
C ALA D 26 20.60 -14.87 10.24
N GLY D 27 20.57 -15.43 11.44
CA GLY D 27 21.75 -16.00 12.06
C GLY D 27 21.76 -17.52 11.87
N TRP D 28 22.95 -18.05 11.60
CA TRP D 28 23.12 -19.47 11.37
C TRP D 28 24.34 -19.96 12.11
N ALA D 29 24.37 -21.27 12.40
CA ALA D 29 25.49 -21.88 13.10
C ALA D 29 25.58 -23.34 12.70
N VAL D 30 26.81 -23.86 12.68
CA VAL D 30 27.07 -25.25 12.32
C VAL D 30 27.84 -25.89 13.46
N SER D 31 27.43 -27.10 13.84
CA SER D 31 28.05 -27.78 14.97
C SER D 31 27.91 -29.28 14.80
N ASP D 32 28.77 -30.03 15.47
CA ASP D 32 28.69 -31.47 15.49
C ASP D 32 27.79 -31.92 16.65
N SER D 33 27.83 -33.21 16.96
CA SER D 33 27.02 -33.74 18.05
C SER D 33 27.44 -33.20 19.41
N GLU D 34 28.61 -32.57 19.50
CA GLU D 34 29.12 -32.04 20.77
C GLU D 34 29.42 -30.55 20.68
N TYR D 35 28.60 -29.81 19.95
CA TYR D 35 28.80 -28.36 19.74
C TYR D 35 30.20 -28.19 19.12
N ASN D 36 30.98 -27.19 19.52
CA ASN D 36 32.35 -27.05 19.04
C ASN D 36 32.37 -26.92 17.52
N LEU D 37 31.91 -25.75 17.07
CA LEU D 37 31.58 -25.47 15.67
C LEU D 37 32.54 -26.15 14.69
N ILE D 38 31.95 -26.72 13.63
CA ILE D 38 32.75 -27.32 12.57
C ILE D 38 33.61 -26.26 11.91
N ARG D 39 34.81 -26.65 11.50
CA ARG D 39 35.76 -25.76 10.86
C ARG D 39 35.86 -26.14 9.39
N ARG D 40 35.63 -25.16 8.52
CA ARG D 40 35.76 -25.35 7.08
C ARG D 40 36.38 -24.10 6.47
N LYS D 41 37.36 -24.29 5.59
CA LYS D 41 38.11 -23.19 4.98
C LYS D 41 38.81 -22.35 6.05
N GLY D 42 39.18 -22.97 7.16
CA GLY D 42 39.87 -22.26 8.24
C GLY D 42 39.02 -21.19 8.90
N LYS D 43 37.72 -21.40 9.01
CA LYS D 43 36.82 -20.45 9.64
C LYS D 43 35.86 -21.20 10.55
N ASP D 44 35.35 -20.50 11.55
CA ASP D 44 34.28 -21.04 12.38
C ASP D 44 32.97 -20.95 11.62
N LEU D 45 32.24 -22.07 11.56
CA LEU D 45 31.07 -22.18 10.68
C LEU D 45 29.83 -21.64 11.39
N TRP D 46 29.81 -20.32 11.56
CA TRP D 46 28.60 -19.62 12.00
C TRP D 46 28.74 -18.15 11.63
N GLY D 47 27.61 -17.47 11.60
CA GLY D 47 27.62 -16.07 11.22
C GLY D 47 26.22 -15.50 11.26
N VAL D 48 26.13 -14.22 10.89
CA VAL D 48 24.89 -13.47 10.92
C VAL D 48 24.69 -12.86 9.54
N ARG D 49 23.77 -13.42 8.77
CA ARG D 49 23.42 -12.87 7.47
C ARG D 49 22.41 -11.76 7.66
N GLN D 50 22.81 -10.53 7.38
CA GLN D 50 21.99 -9.35 7.62
C GLN D 50 21.47 -8.80 6.29
N PHE D 51 20.27 -8.23 6.34
CA PHE D 51 19.68 -7.60 5.16
C PHE D 51 18.66 -6.58 5.64
N GLU D 52 17.87 -6.06 4.69
CA GLU D 52 16.81 -5.13 4.99
C GLU D 52 15.48 -5.86 5.00
N GLU D 53 14.52 -5.34 5.76
CA GLU D 53 13.18 -5.90 5.73
C GLU D 53 12.57 -5.67 4.36
N ALA D 54 11.99 -6.73 3.79
CA ALA D 54 11.44 -6.66 2.46
C ALA D 54 10.15 -5.86 2.46
N LYS D 55 9.98 -5.04 1.43
CA LYS D 55 8.79 -4.21 1.32
C LYS D 55 7.61 -5.02 0.82
N THR D 56 6.45 -4.77 1.41
CA THR D 56 5.23 -5.40 0.94
C THR D 56 4.80 -4.78 -0.38
N ALA D 57 3.97 -5.53 -1.12
CA ALA D 57 3.49 -5.08 -2.42
C ALA D 57 2.35 -4.08 -2.29
N ALA D 58 1.92 -3.74 -1.08
CA ALA D 58 0.80 -2.83 -0.90
C ALA D 58 1.11 -1.45 -1.46
N GLU D 59 2.32 -0.94 -1.21
CA GLU D 59 2.68 0.36 -1.76
C GLU D 59 2.82 0.29 -3.27
N ARG D 60 3.45 -0.76 -3.79
CA ARG D 60 3.58 -0.92 -5.23
C ARG D 60 2.22 -1.06 -5.90
N ARG D 61 1.31 -1.79 -5.26
CA ARG D 61 -0.06 -1.87 -5.77
C ARG D 61 -0.75 -0.52 -5.73
N GLY D 62 -0.35 0.35 -4.80
CA GLY D 62 -0.95 1.67 -4.72
C GLY D 62 -0.72 2.50 -5.97
N PHE D 63 0.51 2.47 -6.50
CA PHE D 63 0.80 3.21 -7.73
C PHE D 63 0.24 2.51 -8.96
N ARG D 64 0.17 1.18 -8.95
CA ARG D 64 -0.36 0.46 -10.11
C ARG D 64 -1.82 0.82 -10.36
N VAL D 65 -2.64 0.77 -9.31
CA VAL D 65 -4.04 1.16 -9.44
C VAL D 65 -4.15 2.65 -9.74
N ALA D 66 -3.29 3.46 -9.13
CA ALA D 66 -3.30 4.89 -9.42
C ALA D 66 -2.90 5.17 -10.86
N ARG D 67 -1.97 4.38 -11.40
CA ARG D 67 -1.59 4.53 -12.80
C ARG D 67 -2.75 4.16 -13.72
N ARG D 68 -3.42 3.04 -13.44
CA ARG D 68 -4.57 2.64 -14.25
C ARG D 68 -5.69 3.66 -14.15
N ARG D 69 -5.94 4.18 -12.95
CA ARG D 69 -6.94 5.22 -12.79
C ARG D 69 -6.60 6.46 -13.61
N LYS D 70 -5.33 6.86 -13.61
CA LYS D 70 -4.91 8.00 -14.40
C LYS D 70 -5.03 7.70 -15.89
N GLN D 71 -4.73 6.46 -16.29
CA GLN D 71 -4.89 6.07 -17.69
C GLN D 71 -6.36 6.12 -18.11
N ARG D 72 -7.25 5.59 -17.28
CA ARG D 72 -8.67 5.61 -17.59
C ARG D 72 -9.21 7.03 -17.64
N GLN D 73 -8.79 7.87 -16.70
CA GLN D 73 -9.21 9.27 -16.70
C GLN D 73 -8.73 10.00 -17.94
N GLN D 74 -7.60 9.57 -18.50
CA GLN D 74 -7.10 10.18 -19.73
C GLN D 74 -7.87 9.75 -20.96
N VAL D 75 -8.34 8.49 -20.99
CA VAL D 75 -9.21 8.06 -22.08
C VAL D 75 -10.54 8.78 -22.02
N ARG D 76 -11.13 8.88 -20.83
CA ARG D 76 -12.41 9.58 -20.69
C ARG D 76 -12.31 11.03 -21.12
N ASN D 77 -11.21 11.69 -20.78
CA ASN D 77 -10.97 13.04 -21.27
C ASN D 77 -10.85 13.06 -22.79
N ARG D 78 -10.19 12.04 -23.35
CA ARG D 78 -10.06 11.95 -24.80
C ARG D 78 -11.42 11.72 -25.46
N LEU D 79 -12.16 10.72 -24.97
CA LEU D 79 -13.45 10.41 -25.56
C LEU D 79 -14.43 11.57 -25.44
N LEU D 80 -14.44 12.23 -24.28
CA LEU D 80 -15.31 13.38 -24.10
C LEU D 80 -14.93 14.51 -25.05
N SER D 81 -13.63 14.70 -25.28
CA SER D 81 -13.19 15.71 -26.22
C SER D 81 -13.56 15.40 -27.66
N GLU D 82 -13.64 14.11 -28.01
CA GLU D 82 -14.05 13.74 -29.36
C GLU D 82 -15.54 13.98 -29.59
N GLU D 83 -16.34 13.95 -28.53
CA GLU D 83 -17.76 14.28 -28.67
C GLU D 83 -17.95 15.74 -29.06
N PHE D 84 -17.20 16.64 -28.43
CA PHE D 84 -17.24 18.05 -28.73
C PHE D 84 -16.24 18.46 -29.80
N GLN D 85 -15.50 17.51 -30.36
CA GLN D 85 -14.37 17.86 -31.23
C GLN D 85 -14.82 18.62 -32.47
N ASN D 86 -15.91 18.16 -33.10
CA ASN D 86 -16.33 18.79 -34.36
C ASN D 86 -16.94 20.16 -34.12
N GLU D 87 -17.74 20.32 -33.06
CA GLU D 87 -18.40 21.60 -32.82
C GLU D 87 -17.40 22.64 -32.32
N ILE D 88 -16.42 22.23 -31.51
CA ILE D 88 -15.42 23.17 -31.02
C ILE D 88 -14.55 23.66 -32.17
N THR D 89 -14.26 22.79 -33.13
CA THR D 89 -13.38 23.16 -34.24
C THR D 89 -13.92 24.33 -35.04
N LYS D 90 -15.25 24.51 -35.06
CA LYS D 90 -15.84 25.59 -35.84
C LYS D 90 -15.48 26.97 -35.31
N ILE D 91 -15.06 27.08 -34.05
CA ILE D 91 -14.74 28.37 -33.44
C ILE D 91 -13.27 28.46 -33.04
N ASP D 92 -12.72 27.39 -32.47
CA ASP D 92 -11.31 27.38 -32.02
C ASP D 92 -10.75 25.99 -32.27
N SER D 93 -10.00 25.86 -33.37
CA SER D 93 -9.41 24.55 -33.71
C SER D 93 -8.44 24.09 -32.65
N GLY D 94 -7.61 24.98 -32.14
CA GLY D 94 -6.57 24.61 -31.20
C GLY D 94 -6.98 24.51 -29.75
N PHE D 95 -8.28 24.64 -29.45
CA PHE D 95 -8.72 24.64 -28.06
C PHE D 95 -8.39 23.31 -27.38
N LEU D 96 -8.63 22.19 -28.06
CA LEU D 96 -8.31 20.90 -27.47
C LEU D 96 -6.81 20.74 -27.28
N LYS D 97 -6.01 21.29 -28.18
CA LYS D 97 -4.57 21.24 -28.07
C LYS D 97 -3.99 22.32 -27.17
N ARG D 98 -4.69 23.44 -27.02
CA ARG D 98 -4.27 24.47 -26.06
C ARG D 98 -4.26 23.93 -24.65
N MET D 99 -5.29 23.15 -24.29
CA MET D 99 -5.35 22.57 -22.96
C MET D 99 -4.20 21.61 -22.72
N GLU D 100 -3.81 20.85 -23.75
CA GLU D 100 -2.69 19.93 -23.60
C GLU D 100 -1.37 20.68 -23.39
N ASP D 101 -1.28 21.91 -23.89
CA ASP D 101 -0.09 22.73 -23.72
C ASP D 101 -0.34 23.70 -22.56
N SER D 102 -0.27 23.15 -21.35
CA SER D 102 -0.54 23.90 -20.13
C SER D 102 0.70 24.07 -19.26
N ARG D 103 1.45 22.99 -19.03
CA ARG D 103 2.66 23.09 -18.22
C ARG D 103 3.69 24.01 -18.86
N PHE D 104 3.82 23.92 -20.18
CA PHE D 104 4.95 24.51 -20.86
C PHE D 104 4.87 26.04 -20.89
N VAL D 105 6.03 26.68 -20.82
CA VAL D 105 6.09 28.12 -21.02
C VAL D 105 5.72 28.44 -22.46
N ILE D 106 5.42 29.71 -22.71
CA ILE D 106 4.87 30.15 -23.99
C ILE D 106 5.81 29.78 -25.12
N SER D 107 7.10 29.66 -24.84
CA SER D 107 8.08 29.30 -25.84
C SER D 107 8.25 27.79 -26.02
N ASP D 108 7.62 26.98 -25.18
CA ASP D 108 7.74 25.53 -25.27
C ASP D 108 6.46 24.85 -25.72
N LYS D 109 5.37 25.59 -25.90
CA LYS D 109 4.12 25.01 -26.37
C LYS D 109 4.07 25.04 -27.89
N ARG D 110 3.18 24.21 -28.44
CA ARG D 110 3.11 24.07 -29.90
C ARG D 110 2.76 25.39 -30.57
N VAL D 111 1.82 26.14 -30.00
CA VAL D 111 1.45 27.45 -30.50
C VAL D 111 1.74 28.46 -29.39
N PRO D 112 2.50 29.52 -29.66
CA PRO D 112 2.87 30.47 -28.58
C PRO D 112 1.74 31.41 -28.18
N GLU D 113 0.77 30.85 -27.46
CA GLU D 113 -0.37 31.61 -26.95
C GLU D 113 -0.28 31.64 -25.43
N LYS D 114 -0.51 32.82 -24.85
CA LYS D 114 -0.22 33.03 -23.44
C LYS D 114 -1.16 32.24 -22.54
N TYR D 115 -2.46 32.33 -22.80
CA TYR D 115 -3.46 31.82 -21.87
C TYR D 115 -3.76 30.35 -22.12
N THR D 116 -4.15 29.66 -21.05
CA THR D 116 -4.30 28.20 -21.11
C THR D 116 -5.50 27.79 -21.96
N LEU D 117 -6.66 28.41 -21.73
CA LEU D 117 -7.90 27.96 -22.34
C LEU D 117 -8.39 28.89 -23.44
N PHE D 118 -8.58 30.17 -23.16
CA PHE D 118 -9.19 31.10 -24.10
C PHE D 118 -8.12 32.05 -24.65
N ASN D 119 -8.02 32.11 -25.96
CA ASN D 119 -7.05 32.98 -26.63
C ASN D 119 -7.69 33.70 -27.79
N ASP D 120 -8.92 34.17 -27.60
CA ASP D 120 -9.61 34.94 -28.63
C ASP D 120 -9.27 36.42 -28.46
N SER D 121 -9.95 37.28 -29.23
CA SER D 121 -9.71 38.71 -29.12
C SER D 121 -10.48 39.31 -27.95
N GLY D 122 -11.80 39.25 -28.00
CA GLY D 122 -12.60 39.74 -26.89
C GLY D 122 -12.47 38.88 -25.64
N TYR D 123 -12.43 37.57 -25.83
CA TYR D 123 -12.40 36.61 -24.72
C TYR D 123 -11.00 36.04 -24.56
N THR D 124 -10.48 36.13 -23.34
CA THR D 124 -9.22 35.51 -22.96
C THR D 124 -9.41 34.86 -21.60
N ASP D 125 -8.32 34.41 -21.00
CA ASP D 125 -8.42 33.83 -19.66
C ASP D 125 -8.71 34.89 -18.61
N VAL D 126 -8.17 36.10 -18.76
CA VAL D 126 -8.47 37.17 -17.82
C VAL D 126 -9.94 37.54 -17.89
N GLU D 127 -10.50 37.64 -19.11
CA GLU D 127 -11.90 37.96 -19.26
C GLU D 127 -12.81 36.80 -18.85
N TYR D 128 -12.34 35.57 -19.04
CA TYR D 128 -13.17 34.41 -18.69
C TYR D 128 -13.34 34.29 -17.19
N TYR D 129 -12.33 34.68 -16.42
CA TYR D 129 -12.41 34.63 -14.97
C TYR D 129 -13.06 35.86 -14.36
N ASN D 130 -13.22 36.93 -15.12
CA ASN D 130 -14.01 38.06 -14.63
C ASN D 130 -15.50 37.74 -14.67
N GLN D 131 -15.94 37.09 -15.74
CA GLN D 131 -17.33 36.63 -15.81
C GLN D 131 -17.59 35.52 -14.80
N TYR D 132 -16.72 34.52 -14.77
CA TYR D 132 -16.85 33.39 -13.86
C TYR D 132 -15.61 33.31 -12.99
N PRO D 133 -15.63 33.84 -11.77
CA PRO D 133 -14.44 33.79 -10.92
C PRO D 133 -14.04 32.38 -10.52
N THR D 134 -14.94 31.41 -10.70
CA THR D 134 -14.69 30.05 -10.26
C THR D 134 -15.47 29.13 -11.18
N ILE D 135 -15.09 27.85 -11.20
CA ILE D 135 -15.78 26.89 -12.05
C ILE D 135 -17.23 26.71 -11.61
N TYR D 136 -17.50 26.88 -10.32
CA TYR D 136 -18.86 26.64 -9.84
C TYR D 136 -19.78 27.75 -10.29
N HIS D 137 -19.21 28.92 -10.56
CA HIS D 137 -20.00 30.04 -11.04
C HIS D 137 -20.38 29.75 -12.48
N LEU D 138 -19.46 29.16 -13.23
CA LEU D 138 -19.76 28.78 -14.61
C LEU D 138 -20.87 27.75 -14.62
N ARG D 139 -20.77 26.74 -13.78
CA ARG D 139 -21.77 25.69 -13.77
C ARG D 139 -23.15 26.20 -13.39
N LYS D 140 -23.22 27.15 -12.46
CA LYS D 140 -24.50 27.75 -12.09
C LYS D 140 -25.14 28.44 -13.29
N ALA D 141 -24.35 29.15 -14.08
CA ALA D 141 -24.86 29.73 -15.31
C ALA D 141 -25.25 28.64 -16.31
N LEU D 142 -24.47 27.57 -16.40
CA LEU D 142 -24.77 26.50 -17.33
C LEU D 142 -26.07 25.78 -16.96
N ILE D 143 -26.42 25.76 -15.69
CA ILE D 143 -27.63 25.07 -15.25
C ILE D 143 -28.84 25.99 -15.25
N GLU D 144 -28.71 27.17 -14.61
CA GLU D 144 -29.87 28.05 -14.45
C GLU D 144 -30.24 28.72 -15.76
N SER D 145 -29.26 29.23 -16.49
CA SER D 145 -29.53 30.04 -17.67
C SER D 145 -29.92 29.15 -18.85
N ASN D 146 -30.90 29.61 -19.63
CA ASN D 146 -31.33 28.94 -20.84
C ASN D 146 -30.80 29.61 -22.09
N GLU D 147 -29.94 30.62 -21.94
CA GLU D 147 -29.34 31.28 -23.09
C GLU D 147 -28.35 30.34 -23.79
N ARG D 148 -28.15 30.58 -25.08
CA ARG D 148 -27.21 29.79 -25.85
C ARG D 148 -25.79 30.10 -25.39
N PHE D 149 -25.13 29.13 -24.78
CA PHE D 149 -23.79 29.32 -24.28
C PHE D 149 -22.76 28.93 -25.33
N ASP D 150 -21.56 29.48 -25.19
CA ASP D 150 -20.44 29.06 -26.01
C ASP D 150 -20.14 27.59 -25.73
N ILE D 151 -19.92 26.81 -26.79
CA ILE D 151 -19.72 25.38 -26.62
C ILE D 151 -18.44 25.09 -25.85
N ARG D 152 -17.46 26.00 -25.92
CA ARG D 152 -16.25 25.84 -25.12
C ARG D 152 -16.56 25.95 -23.63
N LEU D 153 -17.41 26.91 -23.27
CA LEU D 153 -17.86 27.02 -21.87
C LEU D 153 -18.67 25.80 -21.45
N VAL D 154 -19.54 25.32 -22.34
CA VAL D 154 -20.30 24.11 -22.05
C VAL D 154 -19.38 22.92 -21.88
N PHE D 155 -18.38 22.80 -22.77
CA PHE D 155 -17.40 21.74 -22.63
C PHE D 155 -16.61 21.89 -21.34
N LEU D 156 -16.22 23.11 -20.99
CA LEU D 156 -15.43 23.33 -19.79
C LEU D 156 -16.20 22.95 -18.53
N GLY D 157 -17.47 23.32 -18.46
CA GLY D 157 -18.28 22.92 -17.31
C GLY D 157 -18.42 21.41 -17.22
N ILE D 158 -18.65 20.75 -18.35
CA ILE D 158 -18.74 19.29 -18.36
C ILE D 158 -17.38 18.67 -18.08
N HIS D 159 -16.32 19.27 -18.60
CA HIS D 159 -14.97 18.72 -18.39
C HIS D 159 -14.60 18.74 -16.90
N SER D 160 -14.94 19.82 -16.20
CA SER D 160 -14.62 19.90 -14.78
C SER D 160 -15.36 18.84 -13.98
N LEU D 161 -16.61 18.56 -14.35
CA LEU D 161 -17.33 17.46 -13.70
C LEU D 161 -16.63 16.14 -13.94
N PHE D 162 -16.04 15.96 -15.12
CA PHE D 162 -15.30 14.74 -15.40
C PHE D 162 -14.05 14.64 -14.53
N GLN D 163 -13.41 15.77 -14.26
CA GLN D 163 -12.24 15.75 -13.38
C GLN D 163 -12.61 15.50 -11.93
N HIS D 164 -13.83 15.89 -11.53
CA HIS D 164 -14.33 15.70 -10.17
C HIS D 164 -15.66 14.99 -10.25
N PRO D 165 -15.65 13.69 -10.50
CA PRO D 165 -16.91 12.96 -10.70
C PRO D 165 -17.66 12.66 -9.40
N GLY D 166 -16.94 12.57 -8.30
CA GLY D 166 -17.53 12.16 -7.05
C GLY D 166 -17.51 10.65 -6.88
N HIS D 167 -17.79 10.20 -5.66
CA HIS D 167 -17.69 8.79 -5.36
C HIS D 167 -18.88 8.02 -5.91
N PHE D 168 -18.70 6.71 -6.05
CA PHE D 168 -19.72 5.82 -6.60
C PHE D 168 -20.25 4.86 -5.55
N LEU D 169 -20.28 5.28 -4.29
CA LEU D 169 -20.69 4.41 -3.20
C LEU D 169 -22.20 4.47 -2.93
N ASP D 170 -22.80 5.64 -3.11
CA ASP D 170 -24.21 5.82 -2.80
C ASP D 170 -25.06 5.34 -3.96
N LYS D 171 -25.93 4.36 -3.70
CA LYS D 171 -26.83 3.82 -4.70
C LYS D 171 -28.18 4.52 -4.58
N GLY D 172 -28.46 5.42 -5.52
CA GLY D 172 -29.69 6.18 -5.51
C GLY D 172 -30.14 6.48 -6.92
N ASP D 173 -31.28 7.15 -7.03
CA ASP D 173 -31.88 7.47 -8.32
C ASP D 173 -31.78 8.99 -8.55
N VAL D 174 -30.72 9.39 -9.26
CA VAL D 174 -30.60 10.77 -9.70
C VAL D 174 -31.71 11.11 -10.70
N ASP D 175 -32.22 10.10 -11.41
CA ASP D 175 -33.21 10.28 -12.48
C ASP D 175 -34.44 11.07 -12.05
N THR D 176 -34.68 11.25 -10.76
CA THR D 176 -35.81 12.05 -10.31
C THR D 176 -35.70 13.47 -10.87
N ASP D 177 -36.79 13.95 -11.47
CA ASP D 177 -36.80 15.27 -12.08
C ASP D 177 -36.55 16.35 -11.03
N ASN D 178 -37.49 16.50 -10.09
CA ASN D 178 -37.36 17.38 -8.95
C ASN D 178 -38.55 17.14 -8.04
N THR D 179 -38.30 17.11 -6.73
CA THR D 179 -39.35 16.89 -5.75
C THR D 179 -38.84 17.31 -4.38
N GLY D 180 -39.57 18.21 -3.72
CA GLY D 180 -39.21 18.62 -2.38
C GLY D 180 -39.54 17.53 -1.38
N PRO D 181 -38.95 17.63 -0.18
CA PRO D 181 -39.27 16.64 0.85
C PRO D 181 -40.73 16.67 1.27
N GLU D 182 -41.37 17.85 1.25
CA GLU D 182 -42.78 17.94 1.57
C GLU D 182 -43.64 17.13 0.60
N GLU D 183 -43.27 17.12 -0.68
CA GLU D 183 -44.10 16.50 -1.71
C GLU D 183 -44.06 14.97 -1.62
N LEU D 184 -42.87 14.38 -1.74
CA LEU D 184 -42.74 12.93 -1.74
C LEU D 184 -43.15 12.29 -0.43
N ILE D 185 -43.14 13.04 0.67
CA ILE D 185 -43.61 12.49 1.94
C ILE D 185 -45.09 12.17 1.87
N GLN D 186 -45.86 12.97 1.13
CA GLN D 186 -47.28 12.71 0.97
C GLN D 186 -47.52 11.37 0.31
N PHE D 187 -46.71 11.02 -0.70
CA PHE D 187 -46.83 9.71 -1.31
C PHE D 187 -46.50 8.60 -0.31
N LEU D 188 -45.49 8.81 0.52
CA LEU D 188 -45.13 7.81 1.53
C LEU D 188 -46.21 7.65 2.59
N GLU D 189 -47.07 8.65 2.78
CA GLU D 189 -48.20 8.50 3.69
C GLU D 189 -49.15 7.41 3.20
N ASP D 190 -49.26 7.25 1.88
CA ASP D 190 -50.15 6.26 1.29
C ASP D 190 -49.69 4.85 1.63
N CYS D 191 -50.46 3.84 1.18
CA CYS D 191 -50.23 2.44 1.55
C CYS D 191 -50.31 2.27 3.07
N MET D 192 -51.52 2.50 3.59
CA MET D 192 -51.74 2.54 5.03
C MET D 192 -51.96 1.15 5.61
N ASN D 193 -51.55 0.11 4.88
CA ASN D 193 -51.69 -1.26 5.34
C ASN D 193 -50.73 -1.61 6.47
N GLU D 194 -49.97 -0.65 6.97
CA GLU D 194 -49.03 -0.85 8.07
C GLU D 194 -49.75 -0.55 9.39
N ILE D 195 -48.98 -0.36 10.46
CA ILE D 195 -49.51 -0.06 11.78
C ILE D 195 -49.67 1.46 11.90
N GLN D 196 -49.70 2.11 10.74
CA GLN D 196 -50.00 3.54 10.60
C GLN D 196 -48.83 4.40 11.07
N ILE D 197 -47.61 4.01 10.70
CA ILE D 197 -46.44 4.87 10.89
C ILE D 197 -46.24 5.78 9.68
N SER D 198 -46.90 5.50 8.55
CA SER D 198 -46.69 6.28 7.33
C SER D 198 -47.28 7.68 7.40
N ILE D 199 -48.29 7.91 8.23
CA ILE D 199 -48.91 9.23 8.33
C ILE D 199 -48.05 10.18 9.17
N PRO D 200 -47.49 9.76 10.31
CA PRO D 200 -46.56 10.66 11.03
C PRO D 200 -45.33 11.05 10.20
N LEU D 201 -45.13 10.46 9.02
CA LEU D 201 -44.15 10.99 8.09
C LEU D 201 -44.51 12.42 7.68
N VAL D 202 -45.80 12.71 7.55
CA VAL D 202 -46.25 14.05 7.19
C VAL D 202 -46.32 14.95 8.41
N SER D 203 -46.69 14.40 9.56
CA SER D 203 -46.88 15.21 10.76
C SER D 203 -45.57 15.86 11.21
N ASN D 204 -44.57 15.05 11.52
CA ASN D 204 -43.27 15.52 11.97
C ASN D 204 -42.32 15.81 10.83
N GLN D 205 -42.85 16.07 9.63
CA GLN D 205 -42.01 16.15 8.42
C GLN D 205 -40.88 17.17 8.57
N LYS D 206 -41.16 18.30 9.22
CA LYS D 206 -40.12 19.32 9.39
C LYS D 206 -38.93 18.77 10.16
N VAL D 207 -39.18 18.19 11.34
CA VAL D 207 -38.12 17.55 12.08
C VAL D 207 -37.66 16.27 11.37
N LEU D 208 -38.60 15.54 10.78
CA LEU D 208 -38.26 14.29 10.10
C LEU D 208 -37.29 14.52 8.95
N THR D 209 -37.53 15.56 8.14
CA THR D 209 -36.70 15.78 6.96
C THR D 209 -35.29 16.20 7.34
N ASP D 210 -35.16 17.20 8.22
CA ASP D 210 -33.83 17.73 8.53
C ASP D 210 -32.99 16.72 9.30
N ILE D 211 -33.60 16.01 10.25
CA ILE D 211 -32.85 15.04 11.04
C ILE D 211 -32.30 13.93 10.14
N LEU D 212 -33.14 13.41 9.25
CA LEU D 212 -32.67 12.40 8.32
C LEU D 212 -31.66 12.97 7.33
N THR D 213 -31.82 14.24 6.98
CA THR D 213 -30.90 14.89 6.05
C THR D 213 -29.57 15.24 6.72
N ASP D 214 -29.60 15.56 8.02
CA ASP D 214 -28.38 15.99 8.72
C ASP D 214 -27.26 14.99 8.52
N SER D 215 -26.12 15.51 8.05
CA SER D 215 -25.02 14.66 7.58
C SER D 215 -23.98 14.36 8.64
N ARG D 216 -24.04 15.01 9.80
CA ARG D 216 -23.08 14.76 10.86
C ARG D 216 -23.67 14.02 12.06
N ILE D 217 -24.99 14.00 12.19
CA ILE D 217 -25.60 13.17 13.22
C ILE D 217 -25.32 11.72 12.92
N THR D 218 -24.94 10.96 13.94
CA THR D 218 -24.68 9.54 13.75
C THR D 218 -25.97 8.85 13.32
N ARG D 219 -25.84 7.96 12.34
CA ARG D 219 -27.02 7.34 11.74
C ARG D 219 -27.83 6.56 12.76
N ARG D 220 -27.15 5.88 13.69
CA ARG D 220 -27.88 5.13 14.72
C ARG D 220 -28.64 6.06 15.65
N ASP D 221 -27.97 7.11 16.15
CA ASP D 221 -28.66 8.08 17.00
C ASP D 221 -29.77 8.78 16.25
N LYS D 222 -29.54 9.07 14.97
CA LYS D 222 -30.60 9.61 14.12
C LYS D 222 -31.78 8.64 14.03
N GLU D 223 -31.49 7.34 14.00
CA GLU D 223 -32.54 6.34 13.88
C GLU D 223 -33.46 6.33 15.11
N GLN D 224 -32.87 6.44 16.31
CA GLN D 224 -33.67 6.28 17.52
C GLN D 224 -34.57 7.48 17.77
N GLN D 225 -34.08 8.69 17.49
CA GLN D 225 -34.85 9.89 17.84
C GLN D 225 -36.09 10.05 16.97
N ILE D 226 -36.01 9.68 15.68
CA ILE D 226 -37.13 9.93 14.78
C ILE D 226 -38.31 9.02 15.12
N LEU D 227 -38.05 7.76 15.44
CA LEU D 227 -39.15 6.85 15.77
C LEU D 227 -39.86 7.24 17.06
N GLU D 228 -39.23 8.07 17.90
CA GLU D 228 -39.89 8.57 19.09
C GLU D 228 -41.06 9.49 18.76
N ILE D 229 -41.10 10.04 17.55
CA ILE D 229 -42.22 10.84 17.11
C ILE D 229 -43.12 10.09 16.12
N LEU D 230 -42.60 9.06 15.45
CA LEU D 230 -43.41 8.23 14.57
C LEU D 230 -44.18 7.15 15.32
N GLN D 231 -43.92 6.97 16.62
CA GLN D 231 -44.54 5.93 17.41
C GLN D 231 -46.06 6.07 17.45
N SER D 241 -41.15 -5.34 10.40
CA SER D 241 -40.23 -4.26 10.73
C SER D 241 -40.92 -2.90 10.66
N GLN D 242 -40.13 -1.83 10.75
CA GLN D 242 -40.65 -0.48 10.74
C GLN D 242 -40.06 0.42 9.67
N PHE D 243 -38.96 0.00 9.03
CA PHE D 243 -38.21 0.78 8.04
C PHE D 243 -37.49 1.94 8.72
N VAL D 244 -37.74 2.14 10.02
CA VAL D 244 -37.02 3.15 10.79
C VAL D 244 -35.76 2.57 11.44
N LYS D 245 -35.50 1.29 11.25
CA LYS D 245 -34.27 0.66 11.70
C LYS D 245 -33.29 0.39 10.55
N VAL D 246 -33.53 0.96 9.37
CA VAL D 246 -32.71 0.69 8.21
C VAL D 246 -32.07 1.95 7.62
N LEU D 247 -32.48 3.14 8.07
CA LEU D 247 -31.93 4.37 7.50
C LEU D 247 -30.45 4.53 7.79
N THR D 248 -29.92 3.85 8.81
CA THR D 248 -28.48 3.85 9.04
C THR D 248 -27.74 3.19 7.89
N GLY D 249 -28.28 2.07 7.40
CA GLY D 249 -27.60 1.24 6.44
C GLY D 249 -27.24 -0.11 7.04
N GLN D 250 -28.08 -1.10 6.75
CA GLN D 250 -27.96 -2.45 7.28
C GLN D 250 -29.04 -3.28 6.60
N LYS D 251 -29.03 -4.58 6.87
CA LYS D 251 -30.00 -5.47 6.25
C LYS D 251 -31.41 -5.13 6.74
N ALA D 252 -32.38 -5.28 5.84
CA ALA D 252 -33.77 -4.97 6.13
C ALA D 252 -34.58 -6.26 6.12
N LYS D 253 -35.28 -6.53 7.21
CA LYS D 253 -36.12 -7.71 7.32
C LYS D 253 -37.49 -7.46 6.71
N LEU D 254 -37.98 -8.47 5.99
CA LEU D 254 -39.28 -8.38 5.33
C LEU D 254 -40.42 -8.88 6.21
N GLY D 255 -40.27 -8.78 7.54
CA GLY D 255 -41.31 -9.22 8.44
C GLY D 255 -42.63 -8.52 8.28
N ASP D 256 -42.60 -7.25 7.86
CA ASP D 256 -43.83 -6.48 7.64
C ASP D 256 -43.76 -5.86 6.25
N LEU D 257 -44.13 -6.63 5.23
CA LEU D 257 -44.38 -6.12 3.89
C LEU D 257 -45.58 -6.88 3.32
N ILE D 258 -46.59 -7.08 4.17
CA ILE D 258 -47.77 -7.88 3.84
C ILE D 258 -47.32 -9.26 3.37
N MET D 259 -46.56 -9.95 4.21
CA MET D 259 -46.07 -11.30 3.93
C MET D 259 -45.35 -11.40 2.59
N GLU D 266 -41.00 -13.04 7.33
CA GLU D 266 -39.91 -12.96 8.29
C GLU D 266 -38.64 -13.61 7.74
N GLU D 267 -38.59 -14.95 7.81
CA GLU D 267 -37.40 -15.67 7.38
C GLU D 267 -37.13 -15.53 5.89
N TYR D 268 -38.14 -15.18 5.10
CA TYR D 268 -37.96 -14.91 3.67
C TYR D 268 -37.47 -13.48 3.47
N LYS D 269 -36.34 -13.18 4.12
CA LYS D 269 -35.85 -11.81 4.16
C LYS D 269 -35.46 -11.31 2.78
N TYR D 270 -34.61 -12.06 2.07
CA TYR D 270 -33.82 -11.55 0.96
C TYR D 270 -33.35 -10.13 1.27
N SER D 271 -32.80 -9.98 2.48
CA SER D 271 -32.56 -8.68 3.09
C SER D 271 -31.79 -7.75 2.17
N PHE D 272 -32.43 -6.64 1.82
CA PHE D 272 -31.79 -5.60 1.01
C PHE D 272 -31.39 -4.45 1.93
N SER D 273 -30.16 -3.99 1.78
CA SER D 273 -29.69 -2.80 2.46
C SER D 273 -29.62 -1.68 1.43
N PHE D 274 -30.25 -0.54 1.75
CA PHE D 274 -30.33 0.55 0.78
C PHE D 274 -28.96 1.06 0.39
N ARG D 275 -27.96 0.90 1.26
CA ARG D 275 -26.61 1.34 0.94
C ARG D 275 -25.93 0.41 -0.05
N GLU D 276 -26.20 -0.90 0.05
CA GLU D 276 -25.49 -1.89 -0.75
C GLU D 276 -26.11 -2.15 -2.11
N LYS D 277 -27.44 -2.13 -2.23
CA LYS D 277 -28.08 -2.50 -3.48
C LYS D 277 -29.12 -1.46 -3.87
N THR D 278 -29.33 -1.33 -5.17
CA THR D 278 -30.28 -0.39 -5.76
C THR D 278 -31.63 -1.07 -5.92
N LEU D 279 -32.71 -0.32 -5.68
CA LEU D 279 -34.05 -0.86 -5.82
C LEU D 279 -34.26 -1.45 -7.22
N GLU D 280 -33.68 -0.82 -8.24
CA GLU D 280 -33.75 -1.37 -9.59
C GLU D 280 -33.03 -2.72 -9.66
N GLU D 281 -31.87 -2.84 -9.01
CA GLU D 281 -31.18 -4.12 -8.96
C GLU D 281 -31.99 -5.17 -8.22
N ILE D 282 -32.63 -4.79 -7.11
CA ILE D 282 -33.45 -5.72 -6.34
C ILE D 282 -34.87 -5.84 -6.88
N LEU D 283 -35.20 -5.12 -7.96
CA LEU D 283 -36.54 -5.20 -8.54
C LEU D 283 -36.95 -6.62 -8.90
N PRO D 284 -36.13 -7.44 -9.58
CA PRO D 284 -36.51 -8.85 -9.73
C PRO D 284 -36.63 -9.59 -8.40
N ASP D 285 -35.81 -9.23 -7.42
CA ASP D 285 -35.87 -9.92 -6.12
C ASP D 285 -37.17 -9.62 -5.39
N ILE D 286 -37.62 -8.37 -5.40
CA ILE D 286 -38.85 -8.00 -4.69
C ILE D 286 -40.10 -8.33 -5.50
N GLU D 287 -39.95 -8.70 -6.76
CA GLU D 287 -41.11 -9.05 -7.58
C GLU D 287 -41.76 -10.33 -7.07
N GLY D 288 -43.07 -10.46 -7.32
CA GLY D 288 -43.82 -11.61 -6.85
C GLY D 288 -43.95 -11.68 -5.34
N VAL D 289 -44.25 -10.55 -4.70
CA VAL D 289 -44.44 -10.52 -3.25
C VAL D 289 -45.85 -10.09 -2.91
N TYR D 297 -45.16 2.24 1.35
CA TYR D 297 -44.25 1.20 1.80
C TYR D 297 -44.03 0.15 0.73
N ILE D 298 -44.30 0.50 -0.52
CA ILE D 298 -44.11 -0.44 -1.63
C ILE D 298 -42.83 -0.13 -2.38
N GLU D 299 -42.66 1.12 -2.83
CA GLU D 299 -41.43 1.54 -3.49
C GLU D 299 -40.96 2.93 -3.11
N SER D 300 -41.84 3.79 -2.59
CA SER D 300 -41.46 5.17 -2.28
C SER D 300 -40.53 5.28 -1.08
N ILE D 301 -40.40 4.22 -0.28
CA ILE D 301 -39.44 4.23 0.81
C ILE D 301 -38.01 4.38 0.29
N TYR D 302 -37.78 4.04 -0.98
CA TYR D 302 -36.50 4.33 -1.62
C TYR D 302 -36.24 5.83 -1.68
N SER D 303 -37.25 6.61 -2.05
CA SER D 303 -37.05 8.02 -2.32
C SER D 303 -36.62 8.79 -1.07
N LEU D 304 -37.21 8.46 0.07
CA LEU D 304 -36.85 9.15 1.31
C LEU D 304 -35.39 8.87 1.66
N TYR D 305 -34.95 7.63 1.55
CA TYR D 305 -33.53 7.33 1.71
C TYR D 305 -32.70 7.97 0.60
N SER D 306 -33.22 7.94 -0.62
CA SER D 306 -32.51 8.57 -1.74
C SER D 306 -32.36 10.08 -1.51
N TRP D 307 -33.38 10.71 -0.93
CA TRP D 307 -33.29 12.12 -0.60
C TRP D 307 -32.17 12.39 0.39
N SER D 308 -32.02 11.49 1.38
CA SER D 308 -31.01 11.70 2.42
C SER D 308 -29.61 11.75 1.83
N LEU D 309 -29.30 10.83 0.90
CA LEU D 309 -27.95 10.75 0.37
C LEU D 309 -27.59 11.99 -0.44
N LEU D 310 -28.49 12.41 -1.33
CA LEU D 310 -28.17 13.51 -2.24
C LEU D 310 -28.14 14.85 -1.51
N ASN D 311 -29.13 15.11 -0.67
CA ASN D 311 -29.35 16.43 -0.10
C ASN D 311 -28.80 16.57 1.32
N SER D 312 -28.05 15.58 1.81
CA SER D 312 -27.49 15.69 3.16
C SER D 312 -26.50 16.85 3.26
N TYR D 313 -25.64 16.99 2.26
CA TYR D 313 -24.55 17.97 2.29
C TYR D 313 -24.90 19.26 1.58
N MET D 314 -26.14 19.41 1.13
CA MET D 314 -26.57 20.54 0.33
C MET D 314 -27.64 21.35 1.05
N LYS D 315 -27.49 21.46 2.37
CA LYS D 315 -28.48 22.13 3.21
C LYS D 315 -28.10 23.60 3.36
N ASP D 316 -29.03 24.48 3.00
CA ASP D 316 -28.81 25.91 3.16
C ASP D 316 -28.77 26.29 4.64
N THR D 317 -27.96 27.29 4.95
CA THR D 317 -27.85 27.78 6.32
C THR D 317 -28.60 29.08 6.56
N LEU D 318 -28.55 30.02 5.60
CA LEU D 318 -29.27 31.28 5.76
C LEU D 318 -30.78 31.05 5.82
N THR D 319 -31.29 30.17 4.97
CA THR D 319 -32.69 29.79 4.95
C THR D 319 -32.84 28.36 5.47
N GLY D 320 -34.07 27.86 5.42
CA GLY D 320 -34.37 26.51 5.82
C GLY D 320 -34.46 25.50 4.70
N HIS D 321 -34.36 25.94 3.45
CA HIS D 321 -34.48 25.05 2.31
C HIS D 321 -33.12 24.44 1.98
N TYR D 322 -33.03 23.80 0.82
CA TYR D 322 -31.79 23.22 0.32
C TYR D 322 -31.56 23.66 -1.11
N TYR D 323 -30.29 23.65 -1.51
CA TYR D 323 -29.94 23.98 -2.87
C TYR D 323 -30.36 22.86 -3.81
N SER D 324 -30.43 23.18 -5.09
CA SER D 324 -30.82 22.20 -6.09
C SER D 324 -29.64 21.42 -6.64
N TYR D 325 -28.53 22.09 -6.93
CA TYR D 325 -27.35 21.48 -7.50
C TYR D 325 -26.13 21.89 -6.69
N LEU D 326 -25.10 21.04 -6.72
CA LEU D 326 -23.91 21.29 -5.91
C LEU D 326 -23.20 22.57 -6.32
N ALA D 327 -23.31 22.97 -7.58
CA ALA D 327 -22.70 24.23 -8.01
C ALA D 327 -23.33 25.41 -7.26
N GLU D 328 -24.63 25.35 -7.02
CA GLU D 328 -25.29 26.42 -6.26
C GLU D 328 -24.82 26.45 -4.82
N ALA D 329 -24.45 25.30 -4.27
CA ALA D 329 -23.98 25.25 -2.88
C ALA D 329 -22.55 25.75 -2.74
N ARG D 330 -21.80 25.84 -3.83
CA ARG D 330 -20.41 26.29 -3.76
C ARG D 330 -20.25 27.77 -4.01
N VAL D 331 -21.12 28.37 -4.83
CA VAL D 331 -21.11 29.82 -4.97
C VAL D 331 -21.51 30.47 -3.65
N ALA D 332 -22.43 29.86 -2.91
CA ALA D 332 -22.74 30.35 -1.57
C ALA D 332 -21.55 30.21 -0.65
N ALA D 333 -20.87 29.06 -0.70
CA ALA D 333 -19.66 28.88 0.10
C ALA D 333 -18.53 29.81 -0.37
N TYR D 334 -18.51 30.14 -1.65
CA TYR D 334 -17.58 31.14 -2.15
C TYR D 334 -17.83 32.50 -1.50
N ASP D 335 -19.10 32.87 -1.35
CA ASP D 335 -19.44 34.19 -0.81
C ASP D 335 -19.24 34.26 0.69
N LYS D 336 -19.38 33.14 1.41
CA LYS D 336 -19.08 33.14 2.83
C LYS D 336 -17.60 33.34 3.08
N HIS D 337 -16.74 32.70 2.28
CA HIS D 337 -15.31 32.90 2.39
C HIS D 337 -14.94 34.35 2.12
N HIS D 338 -15.61 34.98 1.16
CA HIS D 338 -15.37 36.40 0.91
C HIS D 338 -15.79 37.25 2.10
N SER D 339 -16.94 36.95 2.69
CA SER D 339 -17.38 37.70 3.87
C SER D 339 -16.48 37.43 5.07
N ASP D 340 -15.90 36.23 5.14
CA ASP D 340 -14.92 35.94 6.19
C ASP D 340 -13.64 36.73 5.99
N LEU D 341 -13.26 36.97 4.73
CA LEU D 341 -11.98 37.63 4.46
C LEU D 341 -12.02 39.11 4.84
N VAL D 342 -13.14 39.79 4.57
CA VAL D 342 -13.22 41.21 4.92
C VAL D 342 -13.22 41.39 6.43
N LYS D 343 -13.73 40.40 7.17
CA LYS D 343 -13.66 40.47 8.63
C LYS D 343 -12.22 40.43 9.11
N LEU D 344 -11.42 39.49 8.57
CA LEU D 344 -10.02 39.40 8.97
C LEU D 344 -9.24 40.64 8.52
N LYS D 345 -9.52 41.13 7.31
CA LYS D 345 -8.80 42.31 6.82
C LYS D 345 -9.12 43.54 7.67
N THR D 346 -10.39 43.72 8.05
CA THR D 346 -10.75 44.84 8.90
C THR D 346 -10.19 44.69 10.31
N LEU D 347 -10.24 43.47 10.85
CA LEU D 347 -9.71 43.24 12.20
C LEU D 347 -8.22 43.52 12.26
N PHE D 348 -7.48 43.03 11.27
CA PHE D 348 -6.03 43.24 11.27
C PHE D 348 -5.69 44.71 11.08
N ARG D 349 -6.35 45.38 10.14
CA ARG D 349 -6.01 46.76 9.84
C ARG D 349 -6.39 47.69 10.99
N GLU D 350 -7.49 47.39 11.69
CA GLU D 350 -7.93 48.27 12.76
C GLU D 350 -7.03 48.15 13.98
N TYR D 351 -6.54 46.96 14.29
CA TYR D 351 -5.82 46.71 15.53
C TYR D 351 -4.32 46.50 15.36
N ILE D 352 -3.90 45.78 14.31
CA ILE D 352 -2.47 45.52 14.11
C ILE D 352 -2.10 45.86 12.68
N PRO D 353 -2.13 47.13 12.29
CA PRO D 353 -1.85 47.47 10.87
C PRO D 353 -0.40 47.22 10.46
N GLU D 354 0.53 47.14 11.41
CA GLU D 354 1.91 46.83 11.06
C GLU D 354 2.11 45.36 10.73
N GLU D 355 1.20 44.50 11.19
CA GLU D 355 1.24 43.08 10.90
C GLU D 355 0.32 42.70 9.73
N TYR D 356 -0.38 43.67 9.14
CA TYR D 356 -1.23 43.38 8.01
C TYR D 356 -0.42 42.89 6.81
N ASP D 357 0.72 43.54 6.55
CA ASP D 357 1.51 43.20 5.38
C ASP D 357 2.12 41.81 5.47
N ASN D 358 2.35 41.32 6.68
CA ASN D 358 3.01 40.03 6.87
C ASN D 358 2.06 38.85 6.79
N PHE D 359 0.74 39.09 6.80
CA PHE D 359 -0.22 38.00 6.79
C PHE D 359 -1.01 37.88 5.50
N PHE D 360 -1.15 38.96 4.74
CA PHE D 360 -1.95 38.94 3.53
C PHE D 360 -1.10 39.13 2.28
N ARG D 361 -0.40 40.26 2.16
CA ARG D 361 0.40 40.54 0.97
C ARG D 361 1.85 40.09 1.14
N LYS D 362 2.05 38.84 1.54
CA LYS D 362 3.38 38.30 1.73
C LYS D 362 3.26 36.80 1.93
N MET D 363 4.24 36.06 1.41
CA MET D 363 4.24 34.61 1.50
C MET D 363 5.16 34.19 2.65
N GLU D 364 4.56 33.58 3.67
CA GLU D 364 5.31 33.05 4.80
C GLU D 364 4.72 31.71 5.22
N LYS D 365 5.08 31.25 6.41
CA LYS D 365 4.61 29.95 6.89
C LYS D 365 3.16 30.07 7.34
N ALA D 366 2.25 29.49 6.55
CA ALA D 366 0.85 29.30 6.91
C ALA D 366 0.11 30.62 7.12
N ASN D 367 0.52 31.68 6.44
CA ASN D 367 -0.26 32.92 6.45
C ASN D 367 -1.39 32.77 5.43
N TYR D 368 -2.09 33.87 5.13
CA TYR D 368 -3.18 33.77 4.17
C TYR D 368 -2.68 33.45 2.77
N SER D 369 -1.57 34.08 2.36
CA SER D 369 -1.03 33.83 1.03
C SER D 369 -0.60 32.38 0.88
N HIS D 370 0.03 31.82 1.92
CA HIS D 370 0.41 30.42 1.89
C HIS D 370 -0.82 29.51 1.88
N TYR D 371 -1.92 29.95 2.50
CA TYR D 371 -3.14 29.15 2.48
C TYR D 371 -3.74 29.11 1.09
N ILE D 372 -3.87 30.26 0.44
CA ILE D 372 -4.40 30.31 -0.92
C ILE D 372 -3.42 29.68 -1.89
N GLY D 373 -2.13 29.90 -1.69
CA GLY D 373 -1.12 29.38 -2.56
C GLY D 373 -0.60 30.32 -3.61
N SER D 374 -0.94 31.60 -3.52
CA SER D 374 -0.45 32.59 -4.48
C SER D 374 -0.55 33.96 -3.85
N THR D 375 0.22 34.90 -4.41
CA THR D 375 0.21 36.27 -3.94
C THR D 375 0.68 37.18 -5.07
N GLU D 376 0.23 38.44 -5.01
CA GLU D 376 0.54 39.40 -6.06
C GLU D 376 0.53 40.80 -5.44
N TYR D 377 1.72 41.33 -5.14
CA TYR D 377 1.83 42.64 -4.55
C TYR D 377 3.07 43.34 -5.11
N ASP D 378 3.06 44.68 -5.00
CA ASP D 378 4.16 45.53 -5.48
C ASP D 378 4.39 45.39 -6.97
N GLY D 379 3.34 45.01 -7.71
CA GLY D 379 3.46 44.88 -9.15
C GLY D 379 4.33 43.74 -9.60
N GLU D 380 4.73 42.85 -8.70
CA GLU D 380 5.56 41.71 -9.05
C GLU D 380 4.70 40.58 -9.59
N LYS D 381 5.36 39.59 -10.19
CA LYS D 381 4.64 38.47 -10.78
C LYS D 381 4.01 37.61 -9.70
N ARG D 382 3.01 36.83 -10.10
CA ARG D 382 2.31 35.95 -9.18
C ARG D 382 3.29 34.92 -8.62
N CYS D 383 3.27 34.76 -7.30
CA CYS D 383 4.15 33.82 -6.60
C CYS D 383 3.30 32.62 -6.19
N ARG D 384 3.17 31.66 -7.09
CA ARG D 384 2.40 30.45 -6.84
C ARG D 384 3.30 29.40 -6.19
N THR D 385 2.88 28.89 -5.04
CA THR D 385 3.67 27.90 -4.31
C THR D 385 2.78 26.77 -3.82
N ALA D 386 3.33 25.89 -3.00
CA ALA D 386 2.51 24.88 -2.34
C ALA D 386 1.54 25.56 -1.38
N LYS D 387 0.36 24.97 -1.23
CA LYS D 387 -0.68 25.56 -0.42
C LYS D 387 -0.59 25.06 1.02
N ALA D 388 -1.01 25.91 1.95
CA ALA D 388 -1.00 25.56 3.36
C ALA D 388 -2.29 24.85 3.75
N LYS D 389 -2.18 23.95 4.72
CA LYS D 389 -3.35 23.33 5.30
C LYS D 389 -4.00 24.27 6.30
N GLN D 390 -5.33 24.21 6.38
CA GLN D 390 -6.05 25.13 7.25
C GLN D 390 -5.73 24.89 8.72
N GLU D 391 -5.35 23.65 9.08
CA GLU D 391 -4.98 23.38 10.46
C GLU D 391 -3.82 24.27 10.89
N ASP D 392 -2.77 24.34 10.07
CA ASP D 392 -1.65 25.23 10.35
C ASP D 392 -1.99 26.68 10.04
N PHE D 393 -2.92 26.91 9.11
CA PHE D 393 -3.33 28.28 8.80
C PHE D 393 -4.21 28.85 9.91
N TYR D 394 -5.10 28.01 10.47
CA TYR D 394 -5.90 28.45 11.61
C TYR D 394 -5.01 28.75 12.81
N LYS D 395 -4.03 27.89 13.07
CA LYS D 395 -3.09 28.14 14.16
C LYS D 395 -2.36 29.46 13.97
N SER D 396 -2.09 29.84 12.72
CA SER D 396 -1.40 31.08 12.47
C SER D 396 -2.22 32.30 12.85
N ILE D 397 -3.54 32.25 12.68
CA ILE D 397 -4.40 33.36 13.09
C ILE D 397 -4.54 33.43 14.60
N ASN D 398 -4.65 32.27 15.27
CA ASN D 398 -4.79 32.25 16.72
C ASN D 398 -3.57 32.90 17.38
N LYS D 399 -2.37 32.56 16.92
CA LYS D 399 -1.17 33.24 17.40
C LYS D 399 -1.10 34.68 16.92
N MET D 400 -1.96 35.06 15.97
CA MET D 400 -1.89 36.36 15.33
C MET D 400 -2.94 37.32 15.88
N LEU D 401 -4.05 36.79 16.38
CA LEU D 401 -5.08 37.58 17.04
C LEU D 401 -4.76 37.87 18.50
N GLU D 402 -3.77 37.19 19.06
CA GLU D 402 -3.48 37.36 20.48
C GLU D 402 -3.07 38.80 20.80
N LYS D 403 -2.30 39.41 19.90
CA LYS D 403 -1.89 40.80 20.09
C LYS D 403 -3.02 41.80 19.90
N ILE D 404 -4.24 41.33 19.69
CA ILE D 404 -5.42 42.20 19.53
C ILE D 404 -6.25 42.09 20.79
N PRO D 405 -6.64 43.20 21.43
CA PRO D 405 -7.49 43.11 22.61
C PRO D 405 -8.86 42.55 22.29
N GLU D 406 -9.47 41.93 23.29
CA GLU D 406 -10.73 41.24 23.09
C GLU D 406 -11.82 42.21 22.62
N CYS D 407 -12.60 41.76 21.64
CA CYS D 407 -13.71 42.53 21.11
C CYS D 407 -14.75 41.56 20.57
N SER D 408 -15.81 42.09 19.96
CA SER D 408 -16.87 41.25 19.43
C SER D 408 -16.39 40.43 18.24
N GLU D 409 -15.72 41.09 17.28
CA GLU D 409 -15.28 40.40 16.07
C GLU D 409 -14.25 39.33 16.39
N LYS D 410 -13.32 39.62 17.31
CA LYS D 410 -12.29 38.65 17.66
C LYS D 410 -12.91 37.37 18.22
N THR D 411 -13.90 37.51 19.10
CA THR D 411 -14.59 36.34 19.64
C THR D 411 -15.33 35.59 18.54
N GLU D 412 -15.98 36.33 17.63
CA GLU D 412 -16.77 35.70 16.58
C GLU D 412 -15.89 34.92 15.61
N ILE D 413 -14.76 35.50 15.19
CA ILE D 413 -13.84 34.79 14.32
C ILE D 413 -13.23 33.59 15.03
N GLN D 414 -12.84 33.76 16.30
CA GLN D 414 -12.33 32.65 17.08
C GLN D 414 -13.38 31.55 17.23
N LYS D 415 -14.65 31.92 17.25
CA LYS D 415 -15.72 30.93 17.29
C LYS D 415 -15.74 30.08 16.03
N GLU D 416 -15.68 30.74 14.86
CA GLU D 416 -15.78 30.01 13.60
C GLU D 416 -14.62 29.05 13.41
N ILE D 417 -13.41 29.44 13.81
CA ILE D 417 -12.25 28.57 13.67
C ILE D 417 -12.45 27.28 14.46
N ILE D 418 -13.04 27.39 15.66
CA ILE D 418 -13.35 26.21 16.45
C ILE D 418 -14.36 25.34 15.72
N GLU D 419 -15.40 25.95 15.16
CA GLU D 419 -16.35 25.22 14.33
C GLU D 419 -15.73 24.75 13.02
N GLY D 420 -14.72 25.45 12.52
CA GLY D 420 -14.06 25.04 11.29
C GLY D 420 -14.70 25.55 10.02
N THR D 421 -15.52 26.60 10.10
CA THR D 421 -16.20 27.15 8.93
C THR D 421 -15.64 28.51 8.52
N PHE D 422 -14.44 28.85 8.96
CA PHE D 422 -13.85 30.16 8.68
C PHE D 422 -12.87 30.07 7.52
N LEU D 423 -13.09 30.90 6.50
CA LEU D 423 -12.21 30.99 5.34
C LEU D 423 -11.99 29.61 4.71
N LEU D 424 -13.08 29.03 4.23
CA LEU D 424 -13.05 27.69 3.66
C LEU D 424 -12.78 27.76 2.16
N LYS D 425 -12.19 26.70 1.64
CA LYS D 425 -11.91 26.56 0.22
C LYS D 425 -12.65 25.34 -0.33
N GLN D 426 -13.13 25.47 -1.57
CA GLN D 426 -14.02 24.46 -2.13
C GLN D 426 -13.28 23.16 -2.44
N THR D 427 -12.08 23.24 -3.00
CA THR D 427 -11.30 22.06 -3.32
C THR D 427 -10.36 21.73 -2.17
N GLY D 428 -10.21 20.44 -1.90
CA GLY D 428 -9.35 19.99 -0.84
C GLY D 428 -9.71 18.61 -0.35
N PRO D 429 -9.05 18.16 0.72
CA PRO D 429 -9.33 16.80 1.25
C PRO D 429 -10.71 16.65 1.85
N GLN D 430 -11.47 17.72 1.99
CA GLN D 430 -12.78 17.67 2.64
C GLN D 430 -13.92 17.35 1.68
N ASN D 431 -13.64 17.18 0.39
CA ASN D 431 -14.67 16.92 -0.60
C ASN D 431 -14.90 15.44 -0.87
N GLY D 432 -14.55 14.58 0.08
CA GLY D 432 -14.78 13.16 -0.10
C GLY D 432 -16.22 12.73 0.03
N PHE D 433 -17.13 13.66 0.32
CA PHE D 433 -18.54 13.36 0.48
C PHE D 433 -19.33 13.42 -0.81
N VAL D 434 -18.84 14.14 -1.81
CA VAL D 434 -19.61 14.42 -3.02
C VAL D 434 -19.88 13.13 -3.79
N PRO D 435 -21.14 12.76 -4.02
CA PRO D 435 -21.45 11.56 -4.79
C PRO D 435 -21.59 11.85 -6.27
N ASN D 436 -21.51 10.78 -7.06
CA ASN D 436 -21.63 10.92 -8.51
C ASN D 436 -23.03 11.36 -8.92
N GLN D 437 -24.06 10.92 -8.18
CA GLN D 437 -25.42 11.31 -8.52
C GLN D 437 -25.63 12.80 -8.35
N LEU D 438 -25.00 13.40 -7.33
CA LEU D 438 -25.06 14.84 -7.18
C LEU D 438 -24.41 15.56 -8.36
N GLN D 439 -23.30 15.02 -8.88
CA GLN D 439 -22.66 15.55 -10.06
C GLN D 439 -23.35 15.13 -11.35
N LEU D 440 -24.05 13.99 -11.34
CA LEU D 440 -24.82 13.58 -12.50
C LEU D 440 -26.00 14.52 -12.74
N LYS D 441 -26.56 15.10 -11.68
CA LYS D 441 -27.65 16.05 -11.85
C LYS D 441 -27.19 17.25 -12.66
N GLU D 442 -26.00 17.79 -12.37
CA GLU D 442 -25.50 18.92 -13.13
C GLU D 442 -25.15 18.53 -14.55
N LEU D 443 -24.64 17.32 -14.75
CA LEU D 443 -24.31 16.88 -16.11
C LEU D 443 -25.56 16.83 -16.98
N ARG D 444 -26.62 16.20 -16.49
CA ARG D 444 -27.85 16.11 -17.27
C ARG D 444 -28.44 17.49 -17.53
N LYS D 445 -28.45 18.35 -16.51
CA LYS D 445 -29.01 19.69 -16.67
C LYS D 445 -28.21 20.51 -17.67
N ILE D 446 -26.88 20.43 -17.61
CA ILE D 446 -26.05 21.16 -18.57
C ILE D 446 -26.24 20.61 -19.97
N LEU D 447 -26.26 19.28 -20.11
CA LEU D 447 -26.46 18.67 -21.42
C LEU D 447 -27.86 18.93 -21.95
N GLN D 448 -28.87 18.87 -21.08
CA GLN D 448 -30.23 19.18 -21.51
C GLN D 448 -30.36 20.64 -21.93
N ASN D 449 -29.73 21.54 -21.18
CA ASN D 449 -29.79 22.96 -21.53
C ASN D 449 -29.07 23.27 -22.82
N ALA D 450 -28.14 22.40 -23.25
CA ALA D 450 -27.42 22.60 -24.50
C ALA D 450 -28.11 21.95 -25.69
N SER D 451 -28.95 20.93 -25.45
CA SER D 451 -29.65 20.28 -26.55
C SER D 451 -30.60 21.23 -27.24
N LYS D 452 -31.14 22.20 -26.51
CA LYS D 452 -32.01 23.21 -27.11
C LYS D 452 -31.25 24.21 -27.96
N HIS D 453 -29.92 24.19 -27.93
CA HIS D 453 -29.11 25.13 -28.68
C HIS D 453 -28.07 24.50 -29.59
N TYR D 454 -27.63 23.28 -29.31
CA TYR D 454 -26.66 22.60 -30.17
C TYR D 454 -27.24 21.27 -30.61
N PRO D 455 -27.61 21.12 -31.90
CA PRO D 455 -28.28 19.88 -32.32
C PRO D 455 -27.37 18.67 -32.40
N PHE D 456 -26.04 18.87 -32.36
CA PHE D 456 -25.13 17.74 -32.48
C PHE D 456 -25.21 16.79 -31.29
N LEU D 457 -25.83 17.22 -30.19
CA LEU D 457 -25.96 16.37 -29.01
C LEU D 457 -27.12 15.41 -29.10
N THR D 458 -28.02 15.58 -30.08
CA THR D 458 -29.20 14.74 -30.22
C THR D 458 -29.24 13.98 -31.54
N GLU D 459 -28.12 13.89 -32.26
CA GLU D 459 -28.06 13.10 -33.48
C GLU D 459 -27.80 11.64 -33.13
N LYS D 460 -28.76 10.78 -33.39
CA LYS D 460 -28.63 9.37 -33.09
C LYS D 460 -27.65 8.71 -34.07
N ASP D 461 -27.26 7.47 -33.74
CA ASP D 461 -26.25 6.76 -34.52
C ASP D 461 -26.68 5.30 -34.64
N GLU D 462 -25.74 4.45 -35.06
CA GLU D 462 -26.06 3.07 -35.40
C GLU D 462 -26.55 2.28 -34.19
N ARG D 463 -26.22 2.73 -32.97
CA ARG D 463 -26.74 2.11 -31.76
C ARG D 463 -27.93 2.88 -31.19
N ASP D 464 -28.47 3.85 -31.95
CA ASP D 464 -29.58 4.69 -31.49
C ASP D 464 -29.21 5.44 -30.20
N MET D 465 -27.95 5.86 -30.10
CA MET D 465 -27.47 6.60 -28.95
C MET D 465 -26.98 7.97 -29.42
N THR D 466 -27.48 9.02 -28.79
CA THR D 466 -27.04 10.37 -29.09
C THR D 466 -25.73 10.66 -28.36
N ALA D 467 -25.23 11.88 -28.54
CA ALA D 467 -24.02 12.28 -27.82
C ALA D 467 -24.25 12.28 -26.32
N ILE D 468 -25.39 12.78 -25.87
CA ILE D 468 -25.69 12.84 -24.44
C ILE D 468 -25.73 11.43 -23.86
N ASP D 469 -26.33 10.49 -24.57
CA ASP D 469 -26.38 9.10 -24.11
C ASP D 469 -24.98 8.52 -23.93
N ARG D 470 -23.98 9.05 -24.64
CA ARG D 470 -22.62 8.54 -24.53
C ARG D 470 -21.80 9.30 -23.50
N ILE D 471 -21.97 10.62 -23.40
CA ILE D 471 -21.28 11.38 -22.36
C ILE D 471 -21.77 10.96 -20.98
N GLU D 472 -23.09 10.83 -20.81
CA GLU D 472 -23.64 10.41 -19.53
C GLU D 472 -23.18 8.99 -19.20
N ALA D 473 -23.14 8.11 -20.20
CA ALA D 473 -22.63 6.76 -19.98
C ALA D 473 -21.17 6.79 -19.57
N LEU D 474 -20.36 7.60 -20.25
CA LEU D 474 -18.93 7.68 -19.93
C LEU D 474 -18.71 8.17 -18.51
N PHE D 475 -19.51 9.16 -18.08
CA PHE D 475 -19.33 9.77 -16.77
C PHE D 475 -19.45 8.74 -15.65
N SER D 476 -20.59 8.06 -15.58
CA SER D 476 -20.91 7.22 -14.43
C SER D 476 -20.44 5.77 -14.59
N PHE D 477 -19.90 5.39 -15.74
CA PHE D 477 -19.49 4.02 -15.94
C PHE D 477 -18.07 3.80 -15.40
N ARG D 478 -17.93 2.83 -14.52
CA ARG D 478 -16.63 2.38 -14.03
C ARG D 478 -16.58 0.86 -14.10
N ILE D 479 -15.40 0.33 -14.39
CA ILE D 479 -15.25 -1.12 -14.53
C ILE D 479 -15.56 -1.78 -13.20
N PRO D 480 -16.43 -2.78 -13.16
CA PRO D 480 -16.68 -3.48 -11.88
C PRO D 480 -15.45 -4.22 -11.40
N TYR D 481 -15.38 -4.39 -10.08
CA TYR D 481 -14.19 -4.93 -9.44
C TYR D 481 -13.83 -6.33 -9.91
N TYR D 482 -14.80 -7.09 -10.44
CA TYR D 482 -14.55 -8.46 -10.84
C TYR D 482 -14.07 -8.60 -12.28
N ILE D 483 -14.00 -7.51 -13.03
CA ILE D 483 -13.48 -7.56 -14.39
C ILE D 483 -11.98 -7.36 -14.41
N GLY D 484 -11.48 -6.36 -13.69
CA GLY D 484 -10.07 -6.06 -13.69
C GLY D 484 -9.66 -5.31 -14.95
N PRO D 485 -8.37 -5.31 -15.26
CA PRO D 485 -7.92 -4.68 -16.51
C PRO D 485 -8.48 -5.39 -17.72
N LEU D 486 -8.78 -4.61 -18.76
CA LEU D 486 -9.49 -5.07 -19.94
C LEU D 486 -8.57 -5.57 -21.03
N LYS D 487 -7.26 -5.62 -20.79
CA LYS D 487 -6.32 -6.03 -21.83
C LYS D 487 -5.09 -6.62 -21.17
N ASN D 488 -4.45 -7.56 -21.88
CA ASN D 488 -3.17 -8.15 -21.47
C ASN D 488 -2.29 -8.14 -22.71
N THR D 489 -1.52 -7.06 -22.90
CA THR D 489 -0.66 -6.95 -24.07
C THR D 489 0.33 -8.10 -24.12
N ASP D 490 0.95 -8.40 -22.99
CA ASP D 490 1.72 -9.61 -22.80
C ASP D 490 1.22 -10.29 -21.54
N ASN D 491 1.31 -11.63 -21.51
CA ASN D 491 0.75 -12.36 -20.38
C ASN D 491 1.67 -12.23 -19.16
N GLN D 492 1.88 -11.00 -18.72
CA GLN D 492 2.68 -10.70 -17.54
C GLN D 492 1.89 -9.95 -16.47
N GLY D 493 0.72 -9.42 -16.79
CA GLY D 493 -0.11 -8.72 -15.84
C GLY D 493 -1.13 -9.61 -15.16
N HIS D 494 -2.00 -8.98 -14.39
CA HIS D 494 -3.04 -9.68 -13.63
C HIS D 494 -4.37 -9.75 -14.37
N GLY D 495 -4.44 -9.26 -15.60
CA GLY D 495 -5.72 -9.19 -16.29
C GLY D 495 -6.30 -10.58 -16.52
N TRP D 496 -7.63 -10.67 -16.41
CA TRP D 496 -8.33 -11.94 -16.60
C TRP D 496 -9.61 -11.77 -17.40
N ALA D 497 -9.85 -10.61 -18.00
CA ALA D 497 -11.11 -10.37 -18.71
C ALA D 497 -11.23 -11.31 -19.90
N VAL D 498 -12.45 -11.81 -20.11
CA VAL D 498 -12.73 -12.77 -21.16
C VAL D 498 -13.40 -12.01 -22.31
N ARG D 499 -12.65 -11.75 -23.36
CA ARG D 499 -13.23 -11.15 -24.56
C ARG D 499 -14.00 -12.19 -25.36
N ARG D 500 -15.16 -11.79 -25.86
CA ARG D 500 -15.94 -12.70 -26.69
C ARG D 500 -15.27 -12.87 -28.05
N ASP D 501 -15.57 -14.00 -28.69
CA ASP D 501 -14.93 -14.33 -29.95
C ASP D 501 -15.24 -13.28 -31.01
N GLY D 502 -14.20 -12.88 -31.75
CA GLY D 502 -14.34 -11.86 -32.77
C GLY D 502 -14.32 -10.44 -32.27
N HIS D 503 -14.19 -10.24 -30.96
CA HIS D 503 -14.18 -8.90 -30.37
C HIS D 503 -12.83 -8.53 -29.77
N GLU D 504 -11.79 -9.31 -30.07
CA GLU D 504 -10.46 -8.97 -29.59
C GLU D 504 -9.94 -7.70 -30.26
N GLN D 505 -9.09 -6.98 -29.55
CA GLN D 505 -8.46 -5.75 -30.04
C GLN D 505 -9.50 -4.70 -30.45
N ILE D 506 -10.62 -4.67 -29.75
CA ILE D 506 -11.64 -3.64 -29.92
C ILE D 506 -11.76 -2.89 -28.59
N PRO D 507 -11.61 -1.56 -28.58
CA PRO D 507 -11.67 -0.84 -27.31
C PRO D 507 -13.03 -1.01 -26.63
N VAL D 508 -13.00 -1.10 -25.31
CA VAL D 508 -14.21 -1.31 -24.52
C VAL D 508 -14.76 0.05 -24.12
N ARG D 509 -16.05 0.26 -24.39
CA ARG D 509 -16.76 1.47 -24.01
C ARG D 509 -17.91 1.08 -23.09
N PRO D 510 -18.57 2.04 -22.43
CA PRO D 510 -19.72 1.67 -21.60
C PRO D 510 -20.82 0.95 -22.35
N TRP D 511 -21.00 1.25 -23.64
CA TRP D 511 -22.01 0.59 -24.44
C TRP D 511 -21.51 -0.71 -25.06
N ASN D 512 -20.20 -0.84 -25.28
CA ASN D 512 -19.59 -2.04 -25.82
C ASN D 512 -19.22 -3.05 -24.74
N PHE D 513 -19.43 -2.72 -23.47
CA PHE D 513 -18.92 -3.55 -22.38
C PHE D 513 -19.59 -4.92 -22.37
N GLU D 514 -20.89 -4.97 -22.59
CA GLU D 514 -21.62 -6.23 -22.50
C GLU D 514 -21.40 -7.13 -23.72
N GLU D 515 -20.92 -6.58 -24.83
CA GLU D 515 -20.69 -7.37 -26.03
C GLU D 515 -19.26 -7.88 -26.11
N ILE D 516 -18.29 -6.98 -25.98
CA ILE D 516 -16.89 -7.38 -26.06
C ILE D 516 -16.50 -8.28 -24.89
N ILE D 517 -16.83 -7.86 -23.68
CA ILE D 517 -16.42 -8.55 -22.47
C ILE D 517 -17.54 -9.49 -22.04
N ASP D 518 -17.22 -10.78 -21.95
CA ASP D 518 -18.17 -11.74 -21.39
C ASP D 518 -18.18 -11.57 -19.87
N GLU D 519 -19.10 -10.71 -19.39
CA GLU D 519 -19.07 -10.31 -17.99
C GLU D 519 -19.24 -11.50 -17.07
N SER D 520 -20.09 -12.46 -17.44
CA SER D 520 -20.28 -13.65 -16.61
C SER D 520 -19.04 -14.53 -16.61
N ALA D 521 -18.43 -14.74 -17.78
CA ALA D 521 -17.27 -15.63 -17.85
C ALA D 521 -16.08 -15.06 -17.11
N SER D 522 -15.82 -13.76 -17.27
CA SER D 522 -14.68 -13.14 -16.61
C SER D 522 -14.86 -13.07 -15.09
N ALA D 523 -16.08 -12.76 -14.62
CA ALA D 523 -16.36 -12.80 -13.20
C ALA D 523 -16.18 -14.19 -12.61
N ASP D 524 -16.38 -15.23 -13.40
CA ASP D 524 -16.08 -16.59 -12.95
C ASP D 524 -14.58 -16.75 -12.69
N LEU D 525 -13.74 -16.20 -13.58
CA LEU D 525 -12.30 -16.29 -13.40
C LEU D 525 -11.84 -15.53 -12.15
N PHE D 526 -12.40 -14.34 -11.92
CA PHE D 526 -11.95 -13.51 -10.80
C PHE D 526 -12.05 -14.26 -9.47
N ILE D 527 -13.20 -14.87 -9.21
CA ILE D 527 -13.32 -15.70 -8.01
C ILE D 527 -12.41 -16.91 -8.11
N LYS D 528 -12.37 -17.55 -9.28
CA LYS D 528 -11.62 -18.79 -9.43
C LYS D 528 -10.13 -18.59 -9.18
N ASN D 529 -9.57 -17.49 -9.68
CA ASN D 529 -8.13 -17.26 -9.51
C ASN D 529 -7.75 -17.09 -8.05
N LEU D 530 -8.67 -16.60 -7.22
CA LEU D 530 -8.40 -16.44 -5.80
C LEU D 530 -8.59 -17.72 -5.00
N VAL D 531 -9.22 -18.74 -5.58
CA VAL D 531 -9.50 -19.97 -4.86
C VAL D 531 -8.20 -20.70 -4.57
N ASN D 532 -8.13 -21.37 -3.42
CA ASN D 532 -6.97 -22.14 -3.05
C ASN D 532 -6.77 -23.33 -3.99
N SER D 533 -5.55 -23.84 -4.03
CA SER D 533 -5.23 -25.01 -4.82
C SER D 533 -5.38 -26.27 -3.99
N CYS D 534 -5.34 -27.42 -4.68
CA CYS D 534 -5.53 -28.69 -4.00
C CYS D 534 -4.39 -28.95 -3.02
N THR D 535 -4.72 -29.67 -1.94
CA THR D 535 -3.73 -29.95 -0.90
C THR D 535 -2.62 -30.85 -1.42
N TYR D 536 -2.99 -31.92 -2.14
CA TYR D 536 -2.03 -32.89 -2.64
C TYR D 536 -1.66 -32.68 -4.10
N LEU D 537 -2.65 -32.47 -4.97
CA LEU D 537 -2.36 -32.09 -6.34
C LEU D 537 -2.12 -30.59 -6.39
N ARG D 538 -1.49 -30.11 -7.46
CA ARG D 538 -0.95 -28.75 -7.43
C ARG D 538 -1.54 -27.82 -8.47
N THR D 539 -2.28 -28.33 -9.45
CA THR D 539 -2.67 -27.54 -10.60
C THR D 539 -4.17 -27.31 -10.71
N GLU D 540 -4.97 -27.86 -9.82
CA GLU D 540 -6.42 -27.71 -9.87
C GLU D 540 -6.93 -27.03 -8.62
N LYS D 541 -7.89 -26.12 -8.80
CA LYS D 541 -8.49 -25.42 -7.67
C LYS D 541 -9.39 -26.37 -6.88
N VAL D 542 -9.55 -26.08 -5.59
CA VAL D 542 -10.33 -26.94 -4.71
C VAL D 542 -11.81 -26.82 -5.06
N LEU D 543 -12.62 -27.74 -4.54
CA LEU D 543 -14.07 -27.80 -4.70
C LEU D 543 -14.77 -27.05 -3.58
N PRO D 544 -15.97 -26.54 -3.81
CA PRO D 544 -16.72 -25.91 -2.73
C PRO D 544 -16.96 -26.88 -1.58
N LYS D 545 -16.91 -26.36 -0.35
CA LYS D 545 -17.12 -27.20 0.81
C LYS D 545 -18.53 -27.76 0.89
N SER D 546 -19.47 -27.15 0.18
CA SER D 546 -20.85 -27.63 0.12
C SER D 546 -21.12 -28.47 -1.13
N SER D 547 -20.10 -28.73 -1.94
CA SER D 547 -20.28 -29.59 -3.11
C SER D 547 -20.59 -31.02 -2.67
N LEU D 548 -21.28 -31.75 -3.53
CA LEU D 548 -21.80 -33.06 -3.14
C LEU D 548 -20.68 -34.03 -2.80
N LEU D 549 -19.71 -34.19 -3.70
CA LEU D 549 -18.66 -35.18 -3.45
C LEU D 549 -17.73 -34.76 -2.32
N TYR D 550 -17.48 -33.45 -2.17
CA TYR D 550 -16.67 -33.01 -1.05
C TYR D 550 -17.41 -33.14 0.27
N GLN D 551 -18.73 -32.93 0.27
CA GLN D 551 -19.52 -33.17 1.47
C GLN D 551 -19.41 -34.62 1.92
N GLU D 552 -19.23 -35.55 0.96
CA GLU D 552 -19.01 -36.94 1.31
C GLU D 552 -17.69 -37.11 2.08
N PHE D 553 -16.59 -36.59 1.51
CA PHE D 553 -15.27 -36.92 2.04
C PHE D 553 -15.15 -36.62 3.53
N GLU D 554 -15.90 -35.62 4.01
CA GLU D 554 -15.90 -35.35 5.45
C GLU D 554 -16.54 -36.49 6.24
N VAL D 555 -17.64 -37.05 5.73
CA VAL D 555 -18.38 -38.03 6.53
C VAL D 555 -17.61 -39.34 6.64
N LEU D 556 -17.02 -39.82 5.53
CA LEU D 556 -16.24 -41.05 5.63
C LEU D 556 -14.94 -40.84 6.39
N ASN D 557 -14.43 -39.62 6.45
CA ASN D 557 -13.33 -39.33 7.35
C ASN D 557 -13.75 -39.52 8.80
N GLU D 558 -14.97 -39.09 9.13
CA GLU D 558 -15.50 -39.30 10.48
C GLU D 558 -15.89 -40.75 10.71
N LEU D 559 -16.33 -41.46 9.65
CA LEU D 559 -16.63 -42.89 9.79
C LEU D 559 -15.37 -43.67 10.15
N ASN D 560 -14.24 -43.34 9.53
CA ASN D 560 -12.98 -43.98 9.90
C ASN D 560 -12.57 -43.61 11.32
N ASN D 561 -12.82 -42.36 11.73
CA ASN D 561 -12.47 -41.93 13.07
C ASN D 561 -13.24 -42.71 14.13
N LEU D 562 -14.52 -42.96 13.88
CA LEU D 562 -15.35 -43.71 14.82
C LEU D 562 -14.98 -45.18 14.84
N PHE D 621 -21.14 -36.48 15.91
CA PHE D 621 -20.38 -36.16 14.71
C PHE D 621 -20.30 -34.65 14.50
N LYS D 622 -19.08 -34.17 14.22
CA LYS D 622 -18.85 -32.76 13.99
C LYS D 622 -19.10 -32.35 12.54
N SER D 623 -19.30 -33.31 11.64
CA SER D 623 -19.58 -33.03 10.25
C SER D 623 -20.95 -33.58 9.87
N SER D 624 -21.42 -33.21 8.68
CA SER D 624 -22.72 -33.62 8.21
C SER D 624 -22.70 -33.72 6.70
N LEU D 625 -23.67 -34.45 6.16
CA LEU D 625 -23.86 -34.61 4.72
C LEU D 625 -25.22 -33.99 4.43
N SER D 626 -25.23 -32.70 4.14
CA SER D 626 -26.45 -31.91 4.10
C SER D 626 -26.84 -31.43 2.72
N SER D 627 -25.91 -31.31 1.78
CA SER D 627 -26.26 -30.85 0.44
C SER D 627 -27.21 -31.83 -0.24
N TYR D 628 -27.00 -33.14 -0.04
CA TYR D 628 -27.96 -34.13 -0.53
C TYR D 628 -29.30 -33.95 0.15
N LYS D 629 -29.30 -33.76 1.47
CA LYS D 629 -30.54 -33.52 2.20
C LYS D 629 -31.22 -32.24 1.72
N LYS D 630 -30.44 -31.31 1.17
CA LYS D 630 -30.99 -30.02 0.75
C LYS D 630 -31.41 -30.04 -0.71
N PHE D 631 -30.64 -30.71 -1.57
CA PHE D 631 -30.87 -30.64 -3.00
C PHE D 631 -31.97 -31.57 -3.48
N CYS D 632 -32.37 -32.55 -2.66
CA CYS D 632 -33.44 -33.45 -3.10
C CYS D 632 -34.80 -32.77 -3.03
N GLU D 633 -34.94 -31.71 -2.22
CA GLU D 633 -36.17 -30.92 -2.25
C GLU D 633 -36.37 -30.24 -3.60
N LEU D 634 -35.30 -29.68 -4.17
CA LEU D 634 -35.42 -28.96 -5.43
C LEU D 634 -35.84 -29.89 -6.56
N PHE D 635 -35.26 -31.09 -6.63
CA PHE D 635 -35.50 -32.00 -7.74
C PHE D 635 -36.74 -32.85 -7.55
N GLY D 636 -37.42 -32.75 -6.41
CA GLY D 636 -38.60 -33.53 -6.16
C GLY D 636 -38.30 -34.92 -5.66
N VAL D 637 -37.44 -35.65 -6.37
CA VAL D 637 -37.08 -37.01 -5.98
C VAL D 637 -36.34 -36.99 -4.65
N LYS D 638 -36.63 -37.98 -3.82
CA LYS D 638 -35.97 -38.06 -2.51
C LYS D 638 -34.53 -38.54 -2.66
N THR D 639 -34.30 -39.53 -3.51
CA THR D 639 -32.97 -40.10 -3.72
C THR D 639 -32.40 -39.56 -5.03
N LEU D 640 -31.21 -38.97 -4.95
CA LEU D 640 -30.59 -38.36 -6.12
C LEU D 640 -30.01 -39.44 -7.03
N ASN D 641 -30.39 -39.40 -8.31
CA ASN D 641 -29.83 -40.31 -9.30
C ASN D 641 -28.48 -39.77 -9.76
N ASP D 642 -27.90 -40.40 -10.79
CA ASP D 642 -26.61 -39.99 -11.32
C ASP D 642 -26.73 -39.03 -12.50
N THR D 643 -27.96 -38.68 -12.90
CA THR D 643 -28.17 -37.68 -13.94
C THR D 643 -28.51 -36.30 -13.38
N GLN D 644 -28.92 -36.22 -12.12
CA GLN D 644 -29.17 -34.94 -11.46
C GLN D 644 -28.07 -34.56 -10.49
N LYS D 645 -27.11 -35.45 -10.22
CA LYS D 645 -25.99 -35.09 -9.37
C LYS D 645 -25.04 -34.14 -10.09
N VAL D 646 -24.76 -34.39 -11.36
CA VAL D 646 -24.03 -33.41 -12.17
C VAL D 646 -24.88 -32.17 -12.37
N MET D 647 -26.20 -32.33 -12.48
CA MET D 647 -27.11 -31.19 -12.42
C MET D 647 -26.94 -30.42 -11.12
N ALA D 648 -26.84 -31.12 -9.99
CA ALA D 648 -26.77 -30.45 -8.70
C ALA D 648 -25.42 -29.77 -8.49
N GLU D 649 -24.33 -30.40 -8.93
CA GLU D 649 -23.01 -29.87 -8.60
C GLU D 649 -22.70 -28.59 -9.36
N GLN D 650 -23.22 -28.43 -10.58
CA GLN D 650 -23.03 -27.17 -11.29
C GLN D 650 -23.70 -26.01 -10.57
N ILE D 651 -24.80 -26.26 -9.86
CA ILE D 651 -25.46 -25.21 -9.11
C ILE D 651 -24.63 -24.82 -7.89
N ILE D 652 -24.04 -25.81 -7.21
CA ILE D 652 -23.23 -25.50 -6.02
C ILE D 652 -22.03 -24.65 -6.39
N GLU D 653 -21.36 -24.98 -7.50
CA GLU D 653 -20.25 -24.15 -7.97
C GLU D 653 -20.74 -22.75 -8.33
N TRP D 654 -21.87 -22.65 -9.03
CA TRP D 654 -22.39 -21.34 -9.39
C TRP D 654 -22.84 -20.57 -8.16
N SER D 655 -23.49 -21.24 -7.20
CA SER D 655 -23.95 -20.54 -6.00
C SER D 655 -22.82 -20.19 -5.06
N THR D 656 -21.60 -20.69 -5.32
CA THR D 656 -20.43 -20.33 -4.54
C THR D 656 -19.54 -19.32 -5.25
N VAL D 657 -19.23 -19.56 -6.53
CA VAL D 657 -18.45 -18.61 -7.31
C VAL D 657 -19.22 -17.31 -7.49
N TYR D 658 -20.52 -17.42 -7.80
CA TYR D 658 -21.37 -16.27 -8.04
C TYR D 658 -22.21 -15.90 -6.82
N GLY D 659 -21.64 -16.00 -5.62
CA GLY D 659 -22.35 -15.63 -4.41
C GLY D 659 -22.93 -14.23 -4.47
N ASP D 660 -24.18 -14.08 -4.06
CA ASP D 660 -24.95 -12.85 -4.23
C ASP D 660 -24.97 -12.53 -5.73
N SER D 661 -25.06 -11.25 -6.08
CA SER D 661 -25.00 -10.80 -7.48
C SER D 661 -25.87 -11.68 -8.38
N ARG D 662 -27.18 -11.64 -8.12
CA ARG D 662 -28.11 -12.59 -8.72
C ARG D 662 -28.21 -12.45 -10.24
N LYS D 663 -27.70 -11.37 -10.81
CA LYS D 663 -27.70 -11.24 -12.27
C LYS D 663 -26.85 -12.31 -12.94
N PHE D 664 -25.98 -12.99 -12.19
CA PHE D 664 -25.14 -14.05 -12.73
C PHE D 664 -25.76 -15.42 -12.50
N LEU D 665 -26.16 -15.70 -11.25
CA LEU D 665 -26.72 -17.01 -10.93
C LEU D 665 -28.01 -17.26 -11.68
N LYS D 666 -28.92 -16.27 -11.69
CA LYS D 666 -30.19 -16.45 -12.39
C LYS D 666 -29.98 -16.60 -13.88
N ARG D 667 -29.04 -15.84 -14.45
CA ARG D 667 -28.74 -15.95 -15.88
C ARG D 667 -28.19 -17.33 -16.22
N LYS D 668 -27.33 -17.89 -15.35
CA LYS D 668 -26.77 -19.20 -15.60
C LYS D 668 -27.84 -20.27 -15.62
N LEU D 669 -28.79 -20.22 -14.68
CA LEU D 669 -29.83 -21.23 -14.63
C LEU D 669 -30.82 -21.07 -15.79
N GLU D 670 -31.24 -19.83 -16.05
CA GLU D 670 -32.31 -19.61 -17.02
C GLU D 670 -31.90 -20.03 -18.43
N ASP D 671 -30.68 -19.72 -18.84
CA ASP D 671 -30.25 -20.05 -20.19
C ASP D 671 -29.89 -21.52 -20.33
N ASN D 672 -29.09 -22.04 -19.39
CA ASN D 672 -28.63 -23.42 -19.49
C ASN D 672 -29.75 -24.41 -19.20
N TYR D 673 -30.54 -24.16 -18.15
CA TYR D 673 -31.53 -25.11 -17.65
C TYR D 673 -32.88 -24.44 -17.49
N PRO D 674 -33.63 -24.30 -18.59
CA PRO D 674 -34.97 -23.68 -18.50
C PRO D 674 -36.02 -24.56 -17.83
N GLU D 675 -35.67 -25.76 -17.38
CA GLU D 675 -36.67 -26.66 -16.81
C GLU D 675 -37.20 -26.15 -15.48
N LEU D 676 -36.34 -25.57 -14.65
CA LEU D 676 -36.75 -25.13 -13.32
C LEU D 676 -37.69 -23.94 -13.41
N THR D 677 -38.68 -23.91 -12.51
CA THR D 677 -39.68 -22.87 -12.50
C THR D 677 -39.22 -21.69 -11.65
N ASP D 678 -40.11 -20.70 -11.50
CA ASP D 678 -39.76 -19.49 -10.75
C ASP D 678 -39.45 -19.81 -9.29
N GLN D 679 -40.28 -20.64 -8.66
CA GLN D 679 -40.03 -21.01 -7.27
C GLN D 679 -38.74 -21.80 -7.14
N GLN D 680 -38.46 -22.67 -8.10
CA GLN D 680 -37.22 -23.45 -8.06
C GLN D 680 -35.99 -22.55 -8.12
N ILE D 681 -35.99 -21.57 -9.02
CA ILE D 681 -34.85 -20.67 -9.13
C ILE D 681 -34.72 -19.82 -7.87
N ARG D 682 -35.85 -19.30 -7.37
CA ARG D 682 -35.80 -18.45 -6.19
C ARG D 682 -35.37 -19.22 -4.95
N ARG D 683 -35.73 -20.50 -4.86
CA ARG D 683 -35.27 -21.30 -3.73
C ARG D 683 -33.78 -21.57 -3.82
N ILE D 684 -33.24 -21.67 -5.04
CA ILE D 684 -31.79 -21.84 -5.20
C ILE D 684 -31.05 -20.65 -4.61
N ALA D 685 -31.51 -19.45 -4.92
CA ALA D 685 -30.94 -18.26 -4.30
C ALA D 685 -31.21 -18.20 -2.80
N GLY D 686 -32.21 -18.95 -2.32
CA GLY D 686 -32.53 -18.91 -0.90
C GLY D 686 -31.41 -19.43 -0.03
N PHE D 687 -30.84 -20.59 -0.40
CA PHE D 687 -29.70 -21.12 0.32
C PHE D 687 -28.41 -20.54 -0.26
N LYS D 688 -27.45 -20.28 0.62
CA LYS D 688 -26.21 -19.63 0.21
C LYS D 688 -25.04 -20.29 0.90
N PHE D 689 -24.13 -20.82 0.11
CA PHE D 689 -22.86 -21.36 0.59
C PHE D 689 -21.73 -20.77 -0.24
N SER D 690 -20.70 -20.25 0.44
CA SER D 690 -19.62 -19.56 -0.24
C SER D 690 -18.26 -19.93 0.35
N GLU D 691 -18.12 -21.17 0.84
CA GLU D 691 -16.87 -21.64 1.41
C GLU D 691 -16.31 -22.78 0.56
N TRP D 692 -14.98 -22.90 0.57
CA TRP D 692 -14.28 -23.85 -0.28
C TRP D 692 -13.53 -24.87 0.57
N GLY D 693 -13.41 -26.08 0.03
CA GLY D 693 -12.77 -27.17 0.73
C GLY D 693 -11.26 -27.18 0.55
N ASN D 694 -10.65 -28.27 1.00
CA ASN D 694 -9.20 -28.44 0.96
C ASN D 694 -8.73 -29.32 -0.19
N LEU D 695 -9.65 -29.85 -1.00
CA LEU D 695 -9.28 -30.81 -2.04
C LEU D 695 -10.02 -30.48 -3.33
N SER D 696 -9.47 -30.97 -4.44
CA SER D 696 -10.00 -30.70 -5.76
C SER D 696 -10.80 -31.90 -6.29
N ARG D 697 -11.59 -31.64 -7.33
CA ARG D 697 -12.37 -32.70 -7.94
C ARG D 697 -11.48 -33.74 -8.59
N ALA D 698 -10.42 -33.31 -9.26
CA ALA D 698 -9.54 -34.23 -9.97
C ALA D 698 -8.87 -35.21 -9.00
N PHE D 699 -8.43 -34.72 -7.84
CA PHE D 699 -7.79 -35.58 -6.86
C PHE D 699 -8.78 -36.63 -6.33
N LEU D 700 -10.02 -36.21 -6.06
CA LEU D 700 -11.00 -37.11 -5.47
C LEU D 700 -11.44 -38.22 -6.40
N GLU D 701 -11.13 -38.13 -7.70
CA GLU D 701 -11.53 -39.13 -8.68
C GLU D 701 -10.32 -39.61 -9.47
N MET D 702 -9.24 -39.93 -8.76
CA MET D 702 -8.02 -40.43 -9.37
C MET D 702 -8.06 -41.94 -9.46
N GLU D 703 -7.60 -42.47 -10.61
CA GLU D 703 -7.65 -43.91 -10.88
C GLU D 703 -6.37 -44.55 -10.36
N GLY D 704 -6.41 -44.93 -9.07
CA GLY D 704 -5.25 -45.57 -8.47
C GLY D 704 -4.96 -46.95 -9.06
N TYR D 705 -6.00 -47.75 -9.25
CA TYR D 705 -5.83 -49.08 -9.82
C TYR D 705 -7.08 -49.51 -10.57
N THR D 714 -11.35 -44.45 -8.37
CA THR D 714 -11.50 -43.17 -7.68
C THR D 714 -11.19 -43.30 -6.20
N ILE D 715 -10.41 -42.35 -5.67
CA ILE D 715 -10.03 -42.40 -4.27
C ILE D 715 -11.25 -42.19 -3.36
N ILE D 716 -12.29 -41.52 -3.88
CA ILE D 716 -13.50 -41.31 -3.08
C ILE D 716 -14.14 -42.63 -2.72
N ARG D 717 -14.10 -43.60 -3.64
CA ARG D 717 -14.63 -44.93 -3.36
C ARG D 717 -13.69 -45.75 -2.47
N ALA D 718 -12.42 -45.34 -2.36
CA ALA D 718 -11.48 -46.09 -1.53
C ALA D 718 -11.84 -46.00 -0.06
N LEU D 719 -12.37 -44.86 0.38
CA LEU D 719 -12.81 -44.74 1.77
C LEU D 719 -14.11 -45.48 2.04
N ARG D 720 -14.79 -45.96 1.00
CA ARG D 720 -16.09 -46.61 1.17
C ARG D 720 -15.97 -48.10 1.41
N ASP D 721 -15.29 -48.81 0.50
CA ASP D 721 -15.26 -50.28 0.57
C ASP D 721 -14.54 -50.77 1.82
N THR D 722 -13.42 -50.15 2.18
CA THR D 722 -12.64 -50.56 3.34
C THR D 722 -12.71 -49.50 4.42
N GLN D 723 -12.35 -49.91 5.65
CA GLN D 723 -12.31 -48.98 6.76
C GLN D 723 -11.26 -47.89 6.52
N LYS D 724 -10.08 -48.28 6.01
CA LYS D 724 -9.02 -47.37 5.59
C LYS D 724 -8.42 -46.62 6.77
N ASN D 725 -7.15 -46.21 6.65
CA ASN D 725 -6.50 -45.36 7.63
C ASN D 725 -6.41 -43.95 7.09
N LEU D 726 -6.45 -42.97 8.00
CA LEU D 726 -6.62 -41.57 7.61
C LEU D 726 -5.51 -41.09 6.67
N MET D 727 -4.26 -41.42 7.00
CA MET D 727 -3.12 -40.98 6.21
C MET D 727 -2.36 -42.11 5.54
N GLN D 728 -2.61 -43.37 5.91
CA GLN D 728 -1.92 -44.48 5.26
C GLN D 728 -2.45 -44.75 3.86
N LEU D 729 -3.64 -44.23 3.52
CA LEU D 729 -4.18 -44.45 2.19
C LEU D 729 -3.28 -43.81 1.13
N LEU D 730 -2.81 -42.60 1.39
CA LEU D 730 -1.92 -41.89 0.48
C LEU D 730 -0.46 -42.06 0.83
N SER D 731 -0.15 -42.89 1.81
CA SER D 731 1.24 -43.12 2.17
C SER D 731 1.89 -44.14 1.24
N ASN D 732 3.20 -44.26 1.33
CA ASN D 732 3.95 -45.16 0.45
C ASN D 732 3.49 -46.62 0.48
N ASP D 733 2.89 -47.05 1.58
CA ASP D 733 2.43 -48.42 1.68
C ASP D 733 1.30 -48.72 0.70
N SER D 734 0.82 -47.73 -0.04
CA SER D 734 -0.31 -48.00 -0.93
C SER D 734 0.01 -47.56 -2.36
N ALA D 735 -0.80 -48.07 -3.28
CA ALA D 735 -0.63 -47.77 -4.70
C ALA D 735 -1.25 -46.45 -5.11
N PHE D 736 -2.07 -45.84 -4.24
CA PHE D 736 -2.65 -44.53 -4.56
C PHE D 736 -1.60 -43.43 -4.50
N ALA D 737 -0.59 -43.57 -3.64
CA ALA D 737 0.46 -42.57 -3.57
C ALA D 737 1.22 -42.47 -4.89
N LYS D 738 1.52 -43.63 -5.50
CA LYS D 738 2.23 -43.62 -6.77
C LYS D 738 1.40 -42.94 -7.85
N LYS D 739 0.08 -43.16 -7.84
CA LYS D 739 -0.78 -42.53 -8.83
C LYS D 739 -0.71 -41.01 -8.76
N LEU D 740 -0.47 -40.46 -7.58
CA LEU D 740 -0.39 -39.00 -7.42
C LEU D 740 0.77 -38.43 -8.24
N GLN D 741 1.95 -39.06 -8.15
CA GLN D 741 3.14 -38.51 -8.77
C GLN D 741 3.03 -38.44 -10.29
N GLU D 742 2.23 -39.32 -10.90
CA GLU D 742 2.10 -39.29 -12.35
C GLU D 742 1.31 -38.06 -12.82
N LEU D 743 0.38 -37.56 -12.00
CA LEU D 743 -0.44 -36.44 -12.42
C LEU D 743 0.33 -35.14 -12.42
N ASN D 744 1.23 -34.95 -11.45
CA ASN D 744 2.08 -33.77 -11.38
C ASN D 744 3.54 -34.21 -11.48
N ASP D 745 4.18 -33.88 -12.60
CA ASP D 745 5.57 -34.26 -12.82
C ASP D 745 6.54 -33.49 -11.93
N TYR D 746 6.06 -32.46 -11.23
CA TYR D 746 6.92 -31.70 -10.33
C TYR D 746 7.51 -32.60 -9.25
N VAL D 747 8.80 -32.41 -8.98
CA VAL D 747 9.51 -33.16 -7.96
C VAL D 747 9.67 -32.30 -6.71
N THR D 748 9.85 -32.97 -5.58
CA THR D 748 10.01 -32.26 -4.31
C THR D 748 11.30 -31.44 -4.30
N ARG D 749 11.24 -30.30 -3.61
CA ARG D 749 12.38 -29.40 -3.44
C ARG D 749 12.85 -28.84 -4.78
N ASP D 750 12.09 -29.08 -5.84
CA ASP D 750 12.51 -28.72 -7.19
C ASP D 750 13.89 -29.30 -7.47
N ILE D 751 14.91 -28.45 -7.47
CA ILE D 751 16.30 -28.85 -7.64
C ILE D 751 17.10 -28.30 -6.48
N TRP D 752 18.05 -29.09 -5.98
CA TRP D 752 18.88 -28.66 -4.85
C TRP D 752 19.53 -27.31 -5.12
N SER D 753 20.11 -27.13 -6.30
CA SER D 753 20.78 -25.89 -6.65
C SER D 753 19.87 -24.90 -7.38
N ILE D 754 18.60 -25.24 -7.60
CA ILE D 754 17.67 -24.37 -8.32
C ILE D 754 16.37 -24.37 -7.53
N GLU D 755 16.10 -23.27 -6.82
CA GLU D 755 14.85 -23.09 -6.08
C GLU D 755 14.48 -21.61 -6.09
N PRO D 756 14.35 -21.01 -7.28
CA PRO D 756 14.30 -19.53 -7.37
C PRO D 756 13.14 -18.89 -6.62
N ASP D 757 11.92 -19.28 -6.97
CA ASP D 757 10.71 -18.66 -6.44
C ASP D 757 9.66 -19.71 -6.12
N ASP D 758 10.08 -20.81 -5.49
CA ASP D 758 9.14 -21.84 -5.06
C ASP D 758 8.28 -21.40 -3.91
N LEU D 759 8.57 -20.25 -3.30
CA LEU D 759 7.80 -19.73 -2.18
C LEU D 759 6.51 -19.03 -2.61
N ASP D 760 6.34 -18.79 -3.92
CA ASP D 760 5.15 -18.11 -4.39
C ASP D 760 3.92 -19.00 -4.22
N GLY D 761 2.79 -18.37 -3.96
CA GLY D 761 1.53 -19.07 -3.78
C GLY D 761 1.32 -19.69 -2.42
N MET D 762 2.23 -19.48 -1.47
CA MET D 762 2.11 -20.03 -0.13
C MET D 762 1.60 -19.00 0.87
N TYR D 763 1.08 -17.87 0.39
CA TYR D 763 0.57 -16.80 1.23
C TYR D 763 1.63 -16.31 2.22
N LEU D 764 2.81 -16.01 1.68
CA LEU D 764 3.94 -15.53 2.48
C LEU D 764 4.12 -14.04 2.26
N SER D 765 4.20 -13.29 3.35
CA SER D 765 4.48 -11.86 3.26
C SER D 765 5.88 -11.66 2.68
N ALA D 766 6.06 -10.52 2.02
CA ALA D 766 7.37 -10.22 1.43
C ALA D 766 8.49 -10.25 2.44
N PRO D 767 8.36 -9.69 3.66
CA PRO D 767 9.44 -9.85 4.65
C PRO D 767 9.81 -11.29 4.92
N VAL D 768 8.84 -12.20 4.97
CA VAL D 768 9.14 -13.60 5.24
C VAL D 768 9.83 -14.24 4.04
N ARG D 769 9.39 -13.90 2.81
CA ARG D 769 9.97 -14.51 1.63
C ARG D 769 11.46 -14.21 1.51
N ARG D 770 11.85 -12.95 1.72
CA ARG D 770 13.27 -12.60 1.71
C ARG D 770 14.01 -13.29 2.84
N MET D 771 13.40 -13.34 4.02
CA MET D 771 14.05 -13.95 5.18
C MET D 771 14.25 -15.45 4.99
N ILE D 772 13.30 -16.12 4.34
CA ILE D 772 13.49 -17.54 4.02
C ILE D 772 14.53 -17.72 2.93
N TRP D 773 14.50 -16.87 1.90
CA TRP D 773 15.39 -17.07 0.75
C TRP D 773 16.86 -16.96 1.15
N GLN D 774 17.19 -15.94 1.95
CA GLN D 774 18.57 -15.79 2.39
C GLN D 774 18.98 -16.95 3.30
N THR D 775 18.01 -17.56 3.99
CA THR D 775 18.32 -18.77 4.75
C THR D 775 18.70 -19.92 3.84
N PHE D 776 18.06 -20.03 2.67
CA PHE D 776 18.44 -21.05 1.70
C PHE D 776 19.79 -20.76 1.06
N LEU D 777 20.08 -19.47 0.82
CA LEU D 777 21.38 -19.11 0.24
C LEU D 777 22.53 -19.53 1.14
N ILE D 778 22.29 -19.63 2.44
CA ILE D 778 23.33 -20.06 3.36
C ILE D 778 23.44 -21.58 3.38
N LEU D 779 22.32 -22.26 3.61
CA LEU D 779 22.34 -23.72 3.70
C LEU D 779 22.84 -24.36 2.42
N ARG D 780 22.42 -23.82 1.28
CA ARG D 780 22.93 -24.31 0.00
C ARG D 780 24.46 -24.19 -0.06
N GLU D 781 25.02 -23.20 0.60
CA GLU D 781 26.45 -22.96 0.57
C GLU D 781 27.22 -23.63 1.71
N VAL D 782 26.53 -24.22 2.67
CA VAL D 782 27.19 -24.96 3.73
C VAL D 782 27.17 -26.46 3.47
N VAL D 783 26.02 -27.00 3.05
CA VAL D 783 25.92 -28.43 2.77
C VAL D 783 26.84 -28.84 1.62
N ASP D 784 27.15 -27.93 0.71
CA ASP D 784 28.07 -28.27 -0.37
C ASP D 784 29.53 -28.02 -0.01
N THR D 785 29.81 -27.00 0.80
CA THR D 785 31.17 -26.79 1.30
C THR D 785 31.60 -27.98 2.14
N ILE D 786 30.74 -28.44 3.04
CA ILE D 786 30.91 -29.74 3.67
C ILE D 786 30.51 -30.83 2.68
N GLY D 787 30.87 -32.06 2.99
CA GLY D 787 30.54 -33.16 2.11
C GLY D 787 29.08 -33.56 2.16
N TYR D 788 28.63 -34.00 3.33
CA TYR D 788 27.31 -34.60 3.50
C TYR D 788 26.29 -33.53 3.88
N SER D 789 25.11 -33.97 4.31
CA SER D 789 23.99 -33.14 4.69
C SER D 789 23.80 -33.15 6.20
N PRO D 790 23.25 -32.07 6.77
CA PRO D 790 23.08 -32.01 8.23
C PRO D 790 22.05 -33.01 8.72
N LYS D 791 22.36 -33.66 9.84
CA LYS D 791 21.42 -34.60 10.42
C LYS D 791 20.18 -33.88 10.96
N LYS D 792 20.37 -32.71 11.57
CA LYS D 792 19.27 -31.97 12.17
C LYS D 792 19.37 -30.50 11.78
N ILE D 793 18.21 -29.83 11.80
CA ILE D 793 18.13 -28.39 11.59
C ILE D 793 17.23 -27.81 12.68
N PHE D 794 17.72 -26.77 13.33
CA PHE D 794 17.00 -26.11 14.42
C PHE D 794 16.68 -24.67 14.00
N MET D 795 15.48 -24.21 14.30
CA MET D 795 15.04 -22.89 13.86
C MET D 795 14.10 -22.27 14.89
N GLU D 796 14.00 -20.94 14.82
CA GLU D 796 13.10 -20.17 15.67
C GLU D 796 12.94 -18.79 15.05
N MET D 797 11.73 -18.25 15.08
CA MET D 797 11.48 -16.93 14.53
C MET D 797 11.43 -15.87 15.64
N GLN D 964 0.19 -18.46 13.54
CA GLN D 964 1.34 -19.35 13.50
C GLN D 964 1.61 -19.86 12.09
N GLY D 965 2.31 -19.04 11.31
CA GLY D 965 2.68 -19.39 9.95
C GLY D 965 3.95 -20.20 9.82
N THR D 966 4.56 -20.60 10.94
CA THR D 966 5.78 -21.38 10.88
C THR D 966 5.52 -22.78 10.32
N LYS D 967 4.30 -23.29 10.46
CA LYS D 967 3.97 -24.60 9.90
C LYS D 967 4.10 -24.61 8.39
N ALA D 968 3.80 -23.48 7.74
CA ALA D 968 4.08 -23.31 6.32
C ALA D 968 5.57 -23.17 6.03
N ILE D 969 6.40 -23.00 7.05
CA ILE D 969 7.83 -22.80 6.88
C ILE D 969 8.61 -24.08 7.15
N ILE D 970 8.23 -24.83 8.20
CA ILE D 970 8.87 -26.12 8.44
C ILE D 970 8.64 -27.04 7.26
N SER D 971 7.55 -26.85 6.52
CA SER D 971 7.21 -27.74 5.41
C SER D 971 8.13 -27.55 4.22
N LEU D 972 8.28 -26.33 3.73
CA LEU D 972 9.00 -26.13 2.46
C LEU D 972 10.51 -26.31 2.65
N ILE D 973 10.98 -26.20 3.88
CA ILE D 973 12.38 -26.54 4.14
C ILE D 973 12.53 -28.04 4.29
N ASN D 974 11.47 -28.71 4.72
CA ASN D 974 11.51 -30.17 4.83
C ASN D 974 11.68 -30.82 3.46
N GLN D 975 11.26 -30.12 2.41
CA GLN D 975 11.58 -30.57 1.06
C GLN D 975 13.08 -30.57 0.84
N CYS D 976 13.77 -29.56 1.36
CA CYS D 976 15.21 -29.46 1.23
C CYS D 976 15.90 -30.39 2.21
N PHE D 977 16.82 -31.21 1.70
CA PHE D 977 17.51 -32.23 2.48
C PHE D 977 16.50 -33.09 3.24
N PRO D 978 15.77 -33.96 2.55
CA PRO D 978 14.74 -34.76 3.24
C PRO D 978 15.26 -35.54 4.43
N ASP D 979 16.48 -36.08 4.35
CA ASP D 979 17.02 -36.91 5.42
C ASP D 979 17.27 -36.14 6.70
N SER D 980 17.30 -34.81 6.66
CA SER D 980 17.48 -34.03 7.88
C SER D 980 16.24 -34.14 8.78
N GLU D 981 16.47 -33.98 10.07
CA GLU D 981 15.43 -34.03 11.08
C GLU D 981 15.21 -32.62 11.59
N VAL D 982 14.32 -31.88 10.93
CA VAL D 982 14.05 -30.51 11.30
C VAL D 982 13.40 -30.48 12.67
N VAL D 983 13.91 -29.63 13.56
CA VAL D 983 13.37 -29.44 14.91
C VAL D 983 13.06 -27.97 15.09
N TYR D 984 11.88 -27.68 15.61
CA TYR D 984 11.48 -26.32 15.97
C TYR D 984 11.54 -26.18 17.48
N VAL D 985 12.24 -25.15 17.94
CA VAL D 985 12.45 -24.91 19.36
C VAL D 985 11.45 -23.87 19.83
N LYS D 986 10.81 -24.13 20.97
CA LYS D 986 9.81 -23.22 21.51
C LYS D 986 10.41 -21.84 21.76
N ALA D 987 9.66 -20.80 21.40
CA ALA D 987 10.12 -19.44 21.61
C ALA D 987 10.25 -19.15 23.11
N GLY D 988 11.35 -18.49 23.47
CA GLY D 988 11.64 -18.20 24.86
C GLY D 988 12.44 -19.27 25.57
N ASN D 989 12.62 -20.44 24.96
CA ASN D 989 13.47 -21.47 25.54
C ASN D 989 14.92 -21.02 25.57
N THR D 990 15.38 -20.37 24.50
CA THR D 990 16.76 -19.88 24.45
C THR D 990 16.99 -18.79 25.48
N SER D 991 16.03 -17.88 25.66
CA SER D 991 16.19 -16.82 26.64
C SER D 991 16.30 -17.36 28.04
N ASP D 992 15.68 -18.51 28.32
CA ASP D 992 15.86 -19.16 29.61
C ASP D 992 17.31 -19.62 29.79
N PHE D 993 17.93 -20.12 28.72
CA PHE D 993 19.33 -20.50 28.78
C PHE D 993 20.22 -19.31 29.13
N ARG D 994 19.91 -18.14 28.55
CA ARG D 994 20.68 -16.94 28.86
C ARG D 994 20.55 -16.53 30.32
N GLN D 995 19.44 -16.90 30.96
CA GLN D 995 19.22 -16.51 32.35
C GLN D 995 19.94 -17.43 33.32
N ARG D 996 19.58 -18.72 33.29
CA ARG D 996 20.12 -19.66 34.27
C ARG D 996 21.59 -19.97 34.06
N PHE D 997 22.12 -19.75 32.86
CA PHE D 997 23.50 -20.07 32.54
C PHE D 997 24.37 -18.84 32.31
N ASP D 998 23.82 -17.65 32.55
CA ASP D 998 24.57 -16.38 32.53
C ASP D 998 25.25 -16.15 31.18
N ILE D 999 24.40 -15.99 30.16
CA ILE D 999 24.88 -15.61 28.83
C ILE D 999 24.10 -14.37 28.40
N PRO D 1000 24.51 -13.18 28.80
CA PRO D 1000 23.72 -11.98 28.49
C PRO D 1000 23.71 -11.68 27.01
N LYS D 1001 22.61 -11.08 26.56
CA LYS D 1001 22.40 -10.72 25.16
C LYS D 1001 22.28 -9.20 25.09
N SER D 1002 23.36 -8.55 24.70
CA SER D 1002 23.39 -7.09 24.55
C SER D 1002 23.03 -6.77 23.10
N ARG D 1003 21.75 -6.52 22.86
CA ARG D 1003 21.28 -6.25 21.51
C ARG D 1003 21.84 -4.94 20.96
N ASP D 1004 22.05 -3.95 21.83
CA ASP D 1004 22.56 -2.66 21.39
C ASP D 1004 24.06 -2.67 21.12
N LEU D 1005 24.79 -3.69 21.60
CA LEU D 1005 26.23 -3.70 21.45
C LEU D 1005 26.65 -4.12 20.05
N ASN D 1006 26.32 -5.36 19.66
CA ASN D 1006 26.68 -5.87 18.34
C ASN D 1006 25.65 -6.91 17.92
N ASN D 1007 25.91 -7.54 16.77
CA ASN D 1007 24.99 -8.49 16.15
C ASN D 1007 25.33 -9.93 16.45
N TYR D 1008 26.30 -10.19 17.33
CA TYR D 1008 26.74 -11.56 17.57
C TYR D 1008 25.67 -12.42 18.21
N HIS D 1009 24.65 -11.81 18.84
CA HIS D 1009 23.61 -12.60 19.49
C HIS D 1009 22.80 -13.41 18.49
N HIS D 1010 22.65 -12.91 17.26
CA HIS D 1010 21.95 -13.66 16.23
C HIS D 1010 22.65 -14.99 15.97
N ALA D 1011 23.98 -14.98 15.89
CA ALA D 1011 24.71 -16.24 15.77
C ALA D 1011 24.58 -17.06 17.03
N VAL D 1012 24.66 -16.43 18.20
CA VAL D 1012 24.52 -17.16 19.46
C VAL D 1012 23.10 -17.70 19.60
N ASP D 1013 22.09 -16.89 19.23
CA ASP D 1013 20.72 -17.40 19.24
C ASP D 1013 20.60 -18.62 18.33
N ALA D 1014 21.17 -18.55 17.13
CA ALA D 1014 21.23 -19.72 16.26
C ALA D 1014 22.06 -20.82 16.89
N TYR D 1015 23.18 -20.46 17.52
CA TYR D 1015 24.03 -21.46 18.15
C TYR D 1015 23.33 -22.10 19.34
N LEU D 1016 22.73 -21.29 20.21
CA LEU D 1016 22.01 -21.85 21.36
C LEU D 1016 20.80 -22.66 20.92
N ASN D 1017 20.24 -22.35 19.75
CA ASN D 1017 19.14 -23.14 19.21
C ASN D 1017 19.55 -24.60 19.04
N ILE D 1018 20.83 -24.84 18.71
CA ILE D 1018 21.33 -26.22 18.64
C ILE D 1018 21.51 -26.83 20.02
N VAL D 1019 21.53 -26.01 21.07
CA VAL D 1019 21.75 -26.50 22.43
C VAL D 1019 20.44 -26.81 23.13
N VAL D 1020 19.47 -25.89 23.08
CA VAL D 1020 18.15 -26.19 23.64
C VAL D 1020 17.52 -27.36 22.91
N GLY D 1021 17.59 -27.35 21.58
CA GLY D 1021 17.29 -28.54 20.82
C GLY D 1021 18.35 -29.60 21.02
N ASN D 1022 17.97 -30.85 20.72
CA ASN D 1022 18.77 -32.05 20.93
C ASN D 1022 18.97 -32.34 22.41
N VAL D 1023 18.50 -31.47 23.30
CA VAL D 1023 18.45 -31.73 24.72
C VAL D 1023 17.02 -31.70 25.24
N TYR D 1024 16.24 -30.70 24.81
CA TYR D 1024 14.80 -30.73 25.06
C TYR D 1024 14.15 -31.92 24.40
N ASP D 1025 14.55 -32.22 23.15
CA ASP D 1025 14.04 -33.41 22.48
C ASP D 1025 14.66 -34.67 23.07
N THR D 1026 15.97 -34.67 23.30
CA THR D 1026 16.65 -35.82 23.85
C THR D 1026 17.14 -35.56 25.26
N ASP D 1071 32.29 -34.50 31.40
CA ASP D 1071 31.35 -33.97 30.42
C ASP D 1071 31.83 -32.63 29.87
N THR D 1072 31.82 -31.61 30.74
CA THR D 1072 32.23 -30.25 30.38
C THR D 1072 31.45 -29.72 29.20
N THR D 1073 30.22 -30.18 29.04
CA THR D 1073 29.36 -29.69 27.96
C THR D 1073 29.08 -28.20 28.12
N LEU D 1074 28.83 -27.76 29.36
CA LEU D 1074 28.52 -26.36 29.60
C LEU D 1074 29.67 -25.46 29.20
N LYS D 1075 30.91 -25.87 29.52
CA LYS D 1075 32.06 -25.03 29.23
C LYS D 1075 32.23 -24.79 27.74
N THR D 1076 32.03 -25.83 26.92
CA THR D 1076 32.13 -25.66 25.48
C THR D 1076 31.10 -24.67 24.96
N VAL D 1077 29.86 -24.77 25.44
CA VAL D 1077 28.83 -23.81 25.03
C VAL D 1077 29.17 -22.41 25.51
N LYS D 1078 29.63 -22.28 26.75
CA LYS D 1078 29.95 -20.95 27.29
C LYS D 1078 31.11 -20.33 26.54
N LYS D 1079 32.16 -21.11 26.27
CA LYS D 1079 33.30 -20.59 25.51
C LYS D 1079 32.87 -20.17 24.12
N THR D 1080 32.08 -20.99 23.44
CA THR D 1080 31.62 -20.65 22.10
C THR D 1080 30.72 -19.43 22.11
N ALA D 1081 29.83 -19.32 23.10
CA ALA D 1081 28.87 -18.23 23.17
C ALA D 1081 29.53 -16.86 23.27
N PHE D 1082 30.72 -16.76 23.86
CA PHE D 1082 31.40 -15.49 24.01
C PHE D 1082 32.45 -15.26 22.93
N LYS D 1083 32.50 -16.09 21.91
CA LYS D 1083 33.50 -15.97 20.86
C LYS D 1083 33.18 -14.81 19.92
N THR D 1084 34.23 -14.22 19.38
CA THR D 1084 34.12 -13.16 18.37
C THR D 1084 34.17 -13.73 16.95
N SER D 1085 34.14 -15.06 16.82
CA SER D 1085 34.24 -15.69 15.52
C SER D 1085 33.15 -15.32 14.51
N PRO D 1086 31.86 -15.20 14.88
CA PRO D 1086 30.81 -15.25 13.86
C PRO D 1086 31.01 -14.25 12.73
N MET D 1087 30.78 -14.72 11.51
CA MET D 1087 31.04 -13.96 10.30
C MET D 1087 29.78 -13.20 9.93
N VAL D 1088 29.78 -11.89 10.21
CA VAL D 1088 28.61 -11.05 9.97
C VAL D 1088 28.73 -10.47 8.56
N THR D 1089 27.86 -10.93 7.67
CA THR D 1089 27.75 -10.39 6.32
C THR D 1089 26.48 -9.56 6.20
N LYS D 1090 26.48 -8.66 5.23
CA LYS D 1090 25.32 -7.85 4.92
C LYS D 1090 24.93 -8.10 3.47
N ARG D 1091 23.64 -8.27 3.23
CA ARG D 1091 23.15 -8.60 1.90
C ARG D 1091 23.40 -7.42 0.96
N THR D 1092 24.36 -7.60 0.06
CA THR D 1092 24.57 -6.64 -1.02
C THR D 1092 23.48 -6.79 -2.05
N TYR D 1093 23.04 -5.67 -2.61
CA TYR D 1093 21.92 -5.69 -3.54
C TYR D 1093 22.01 -4.50 -4.46
N GLU D 1094 21.14 -4.49 -5.47
CA GLU D 1094 20.89 -3.30 -6.29
C GLU D 1094 19.62 -2.64 -5.79
N ARG D 1095 19.71 -1.36 -5.47
CA ARG D 1095 18.57 -0.65 -4.89
C ARG D 1095 17.39 -0.66 -5.84
N LYS D 1096 16.22 -0.99 -5.30
CA LYS D 1096 14.98 -1.02 -6.05
C LYS D 1096 13.99 -0.04 -5.45
N GLY D 1097 12.92 0.23 -6.21
CA GLY D 1097 11.86 1.12 -5.75
C GLY D 1097 11.73 2.32 -6.67
N GLY D 1098 11.32 3.44 -6.09
CA GLY D 1098 11.18 4.65 -6.89
C GLY D 1098 12.51 5.11 -7.44
N LEU D 1099 12.46 5.63 -8.66
CA LEU D 1099 13.66 6.20 -9.26
C LEU D 1099 14.16 7.39 -8.46
N ALA D 1100 13.25 8.23 -8.01
CA ALA D 1100 13.57 9.42 -7.25
C ALA D 1100 12.41 9.69 -6.29
N ASP D 1101 12.32 10.91 -5.77
CA ASP D 1101 11.19 11.28 -4.94
C ASP D 1101 9.91 11.25 -5.76
N SER D 1102 8.81 10.87 -5.12
CA SER D 1102 7.55 10.63 -5.83
C SER D 1102 7.01 11.90 -6.47
N VAL D 1103 7.10 13.03 -5.77
CA VAL D 1103 6.50 14.27 -6.23
C VAL D 1103 7.58 15.19 -6.76
N LEU D 1104 7.18 16.06 -7.68
CA LEU D 1104 8.09 17.07 -8.21
C LEU D 1104 8.37 18.13 -7.16
N ILE D 1105 9.60 18.63 -7.17
CA ILE D 1105 9.99 19.74 -6.31
C ILE D 1105 10.01 21.01 -7.14
N ALA D 1106 10.02 22.16 -6.45
CA ALA D 1106 9.90 23.43 -7.13
C ALA D 1106 11.08 23.67 -8.06
N ALA D 1107 10.83 24.42 -9.14
CA ALA D 1107 11.89 24.73 -10.08
C ALA D 1107 12.99 25.57 -9.44
N LYS D 1108 12.64 26.38 -8.44
CA LYS D 1108 13.65 27.16 -7.73
C LYS D 1108 14.62 26.26 -6.98
N LYS D 1109 14.11 25.17 -6.41
CA LYS D 1109 14.92 24.24 -5.64
C LYS D 1109 15.59 23.17 -6.49
N ALA D 1110 15.32 23.15 -7.79
CA ALA D 1110 15.84 22.12 -8.69
C ALA D 1110 17.00 22.65 -9.50
N LYS D 1111 18.01 21.80 -9.70
CA LYS D 1111 19.20 22.12 -10.47
C LYS D 1111 19.47 21.02 -11.48
N PRO D 1112 20.03 21.36 -12.64
CA PRO D 1112 20.29 20.35 -13.66
C PRO D 1112 21.28 19.31 -13.18
N GLY D 1113 21.12 18.08 -13.69
CA GLY D 1113 22.03 17.00 -13.34
C GLY D 1113 21.77 16.28 -12.05
N VAL D 1114 21.42 17.03 -11.00
CA VAL D 1114 21.14 16.41 -9.70
C VAL D 1114 19.68 16.00 -9.59
N HIS D 1115 18.78 16.65 -10.32
CA HIS D 1115 17.36 16.38 -10.24
C HIS D 1115 16.87 15.74 -11.53
N LEU D 1116 16.16 14.63 -11.41
CA LEU D 1116 15.59 13.98 -12.59
C LEU D 1116 14.48 14.86 -13.16
N PRO D 1117 14.52 15.19 -14.45
CA PRO D 1117 13.48 16.05 -15.03
C PRO D 1117 12.13 15.34 -15.06
N VAL D 1118 11.11 16.11 -15.43
CA VAL D 1118 9.75 15.55 -15.51
C VAL D 1118 9.71 14.43 -16.53
N LYS D 1119 10.21 14.70 -17.74
CA LYS D 1119 10.29 13.71 -18.81
C LYS D 1119 11.70 13.75 -19.39
N THR D 1120 12.40 12.62 -19.33
CA THR D 1120 13.75 12.55 -19.87
C THR D 1120 13.75 12.44 -21.39
N SER D 1121 12.75 11.78 -21.97
CA SER D 1121 12.68 11.66 -23.42
C SER D 1121 12.13 12.91 -24.10
N ASP D 1122 11.62 13.87 -23.33
CA ASP D 1122 11.16 15.14 -23.86
C ASP D 1122 12.25 16.18 -23.64
N SER D 1123 12.75 16.77 -24.72
CA SER D 1123 13.80 17.78 -24.60
C SER D 1123 13.31 19.02 -23.89
N ARG D 1124 11.99 19.21 -23.80
CA ARG D 1124 11.46 20.37 -23.10
C ARG D 1124 11.67 20.26 -21.59
N PHE D 1125 11.54 19.05 -21.05
CA PHE D 1125 11.71 18.84 -19.62
C PHE D 1125 13.14 18.46 -19.26
N ALA D 1126 13.78 17.63 -20.08
CA ALA D 1126 15.12 17.12 -19.79
C ALA D 1126 16.19 18.19 -19.84
N ASN D 1127 15.91 19.36 -20.42
CA ASN D 1127 16.88 20.42 -20.53
C ASN D 1127 16.59 21.63 -19.65
N GLN D 1128 15.43 21.68 -19.01
CA GLN D 1128 14.99 22.84 -18.23
C GLN D 1128 14.50 22.40 -16.86
N VAL D 1129 15.30 21.59 -16.17
CA VAL D 1129 14.94 21.14 -14.83
C VAL D 1129 14.77 22.32 -13.88
N SER D 1130 15.49 23.41 -14.12
CA SER D 1130 15.36 24.61 -13.30
C SER D 1130 14.16 25.47 -13.71
N THR D 1131 13.42 25.08 -14.74
CA THR D 1131 12.22 25.78 -15.17
C THR D 1131 10.93 25.03 -14.83
N TYR D 1132 10.90 23.72 -15.04
CA TYR D 1132 9.71 22.92 -14.81
C TYR D 1132 9.74 22.10 -13.53
N GLY D 1133 10.84 22.15 -12.78
CA GLY D 1133 10.99 21.31 -11.62
C GLY D 1133 11.47 19.92 -11.99
N GLY D 1134 11.70 19.11 -10.96
CA GLY D 1134 12.18 17.77 -11.18
C GLY D 1134 12.01 16.93 -9.93
N TYR D 1135 12.44 15.68 -10.03
CA TYR D 1135 12.34 14.73 -8.94
C TYR D 1135 13.64 14.72 -8.16
N ASP D 1136 13.57 15.04 -6.86
CA ASP D 1136 14.76 15.09 -5.99
C ASP D 1136 15.25 13.72 -5.57
N ASN D 1137 16.44 13.66 -4.97
CA ASN D 1137 16.98 12.41 -4.46
C ASN D 1137 16.90 11.28 -5.48
N VAL D 1138 17.54 11.45 -6.63
CA VAL D 1138 17.49 10.44 -7.67
C VAL D 1138 18.23 9.21 -7.16
N LYS D 1139 17.48 8.13 -6.88
CA LYS D 1139 18.07 6.93 -6.33
C LYS D 1139 18.95 6.24 -7.36
N GLY D 1140 20.03 5.61 -6.89
CA GLY D 1140 20.92 4.85 -7.73
C GLY D 1140 20.77 3.37 -7.43
N SER D 1141 21.03 2.54 -8.44
CA SER D 1141 20.85 1.10 -8.30
C SER D 1141 22.04 0.46 -7.60
N HIS D 1142 23.23 0.60 -8.19
CA HIS D 1142 24.45 0.04 -7.63
C HIS D 1142 25.59 0.99 -7.98
N PHE D 1143 26.82 0.54 -7.76
CA PHE D 1143 28.01 1.32 -8.05
C PHE D 1143 28.89 0.58 -9.05
N PHE D 1144 29.75 1.34 -9.72
CA PHE D 1144 30.76 0.77 -10.60
C PHE D 1144 32.04 1.60 -10.48
N LEU D 1145 33.16 0.99 -10.83
CA LEU D 1145 34.47 1.62 -10.71
C LEU D 1145 35.00 1.95 -12.10
N VAL D 1146 35.37 3.22 -12.32
CA VAL D 1146 35.84 3.69 -13.60
C VAL D 1146 37.16 4.42 -13.41
N GLU D 1147 38.14 4.11 -14.25
CA GLU D 1147 39.44 4.77 -14.23
C GLU D 1147 39.45 5.85 -15.31
N HIS D 1148 39.70 7.09 -14.89
CA HIS D 1148 39.69 8.23 -15.81
C HIS D 1148 40.87 9.14 -15.50
N GLN D 1149 41.11 10.08 -16.39
CA GLN D 1149 42.23 11.01 -16.29
C GLN D 1149 41.70 12.39 -15.93
N GLN D 1150 41.81 12.74 -14.65
CA GLN D 1150 41.44 14.06 -14.17
C GLN D 1150 42.69 14.81 -13.75
N LYS D 1151 42.74 16.10 -14.11
CA LYS D 1151 43.91 16.94 -13.87
C LYS D 1151 45.17 16.32 -14.47
N LYS D 1152 45.01 15.74 -15.66
CA LYS D 1152 46.09 15.05 -16.39
C LYS D 1152 46.78 14.00 -15.52
N LYS D 1153 46.05 13.42 -14.57
CA LYS D 1153 46.56 12.34 -13.74
C LYS D 1153 45.52 11.23 -13.67
N THR D 1154 45.98 9.99 -13.75
CA THR D 1154 45.08 8.84 -13.72
C THR D 1154 44.61 8.60 -12.29
N ILE D 1155 43.31 8.69 -12.07
CA ILE D 1155 42.69 8.36 -10.79
C ILE D 1155 41.48 7.48 -11.06
N ARG D 1156 40.86 7.01 -9.98
CA ARG D 1156 39.68 6.16 -10.05
C ARG D 1156 38.60 6.74 -9.15
N SER D 1157 37.35 6.57 -9.59
CA SER D 1157 36.20 7.05 -8.83
C SER D 1157 35.11 6.00 -8.87
N ILE D 1158 34.33 5.94 -7.79
CA ILE D 1158 33.22 5.01 -7.66
C ILE D 1158 31.94 5.78 -7.94
N GLU D 1159 31.37 5.56 -9.13
CA GLU D 1159 30.14 6.20 -9.54
C GLU D 1159 28.98 5.22 -9.43
N ASN D 1160 27.76 5.76 -9.50
CA ASN D 1160 26.56 4.98 -9.32
C ASN D 1160 25.78 4.85 -10.61
N VAL D 1161 25.05 3.75 -10.75
CA VAL D 1161 24.17 3.51 -11.88
C VAL D 1161 22.75 3.82 -11.41
N PRO D 1162 22.08 4.83 -11.97
CA PRO D 1162 20.72 5.16 -11.51
C PRO D 1162 19.75 4.02 -11.80
N ILE D 1163 18.69 3.98 -10.99
CA ILE D 1163 17.67 2.94 -11.16
C ILE D 1163 16.97 3.08 -12.50
N HIS D 1164 16.77 4.31 -12.97
CA HIS D 1164 16.10 4.52 -14.25
C HIS D 1164 17.00 4.28 -15.45
N LEU D 1165 18.28 4.00 -15.23
CA LEU D 1165 19.21 3.69 -16.32
C LEU D 1165 19.82 2.30 -16.17
N LYS D 1166 19.33 1.50 -15.22
CA LYS D 1166 20.00 0.25 -14.87
C LYS D 1166 20.00 -0.74 -16.03
N GLU D 1167 18.88 -0.85 -16.74
CA GLU D 1167 18.74 -1.91 -17.72
C GLU D 1167 19.64 -1.70 -18.94
N LYS D 1168 19.85 -0.45 -19.33
CA LYS D 1168 20.68 -0.13 -20.49
C LYS D 1168 22.13 0.18 -20.10
N LEU D 1169 22.57 -0.25 -18.93
CA LEU D 1169 23.91 0.04 -18.44
C LEU D 1169 24.52 -1.20 -17.80
N LYS D 1170 24.36 -2.35 -18.45
CA LYS D 1170 24.83 -3.61 -17.89
C LYS D 1170 26.22 -4.01 -18.36
N THR D 1171 26.60 -3.66 -19.58
CA THR D 1171 27.89 -4.07 -20.12
C THR D 1171 28.93 -2.99 -19.88
N LYS D 1172 30.20 -3.41 -19.90
CA LYS D 1172 31.30 -2.49 -19.67
C LYS D 1172 31.38 -1.43 -20.76
N GLU D 1173 31.11 -1.82 -22.01
CA GLU D 1173 31.10 -0.85 -23.10
C GLU D 1173 29.98 0.17 -22.93
N GLU D 1174 28.81 -0.28 -22.48
CA GLU D 1174 27.72 0.64 -22.20
C GLU D 1174 28.08 1.58 -21.06
N LEU D 1175 28.71 1.05 -20.01
CA LEU D 1175 29.11 1.89 -18.88
C LEU D 1175 30.17 2.91 -19.30
N GLU D 1176 31.13 2.49 -20.11
CA GLU D 1176 32.17 3.42 -20.57
C GLU D 1176 31.57 4.55 -21.39
N HIS D 1177 30.60 4.23 -22.25
CA HIS D 1177 29.93 5.27 -23.02
C HIS D 1177 29.15 6.21 -22.11
N TYR D 1178 28.54 5.67 -21.05
CA TYR D 1178 27.81 6.51 -20.11
C TYR D 1178 28.74 7.49 -19.41
N CYS D 1179 29.92 7.04 -19.01
CA CYS D 1179 30.89 7.92 -18.36
C CYS D 1179 31.36 9.01 -19.30
N ALA D 1180 31.63 8.65 -20.56
CA ALA D 1180 32.20 9.61 -21.50
C ALA D 1180 31.23 10.74 -21.81
N GLN D 1181 29.94 10.42 -21.99
CA GLN D 1181 28.99 11.42 -22.45
C GLN D 1181 28.23 12.09 -21.30
N VAL D 1182 27.69 11.30 -20.38
CA VAL D 1182 26.87 11.85 -19.32
C VAL D 1182 27.71 12.29 -18.13
N LEU D 1183 28.55 11.40 -17.60
CA LEU D 1183 29.36 11.75 -16.44
C LEU D 1183 30.46 12.74 -16.81
N GLY D 1184 30.93 12.71 -18.05
CA GLY D 1184 31.96 13.63 -18.49
C GLY D 1184 33.34 13.25 -18.01
N MET D 1185 33.77 12.03 -18.33
CA MET D 1185 35.07 11.51 -17.92
C MET D 1185 36.00 11.45 -19.12
N VAL D 1186 37.27 11.77 -18.89
CA VAL D 1186 38.27 11.75 -19.95
C VAL D 1186 38.92 10.36 -19.97
N GLN D 1187 38.81 9.69 -21.11
CA GLN D 1187 39.34 8.34 -21.30
C GLN D 1187 38.85 7.38 -20.21
N PRO D 1188 37.54 7.16 -20.11
CA PRO D 1188 37.04 6.26 -19.07
C PRO D 1188 37.46 4.82 -19.32
N ASP D 1189 37.62 4.08 -18.23
CA ASP D 1189 38.01 2.67 -18.30
C ASP D 1189 37.31 1.96 -17.14
N VAL D 1190 36.16 1.35 -17.42
CA VAL D 1190 35.39 0.70 -16.38
C VAL D 1190 36.13 -0.57 -15.95
N ARG D 1191 36.55 -0.61 -14.70
CA ARG D 1191 37.27 -1.75 -14.15
C ARG D 1191 36.33 -2.75 -13.48
N LEU D 1192 35.27 -2.26 -12.84
CA LEU D 1192 34.25 -3.10 -12.24
C LEU D 1192 32.89 -2.62 -12.71
N THR D 1193 32.02 -3.55 -13.10
CA THR D 1193 30.72 -3.17 -13.64
C THR D 1193 29.62 -3.17 -12.59
N ARG D 1194 29.81 -3.86 -11.47
CA ARG D 1194 28.77 -3.96 -10.45
C ARG D 1194 29.42 -3.95 -9.07
N ILE D 1195 29.32 -2.82 -8.38
CA ILE D 1195 29.59 -2.79 -6.94
C ILE D 1195 28.24 -2.56 -6.27
N PRO D 1196 27.66 -3.59 -5.66
CA PRO D 1196 26.29 -3.47 -5.14
C PRO D 1196 26.17 -2.47 -3.99
N MET D 1197 24.95 -2.19 -3.56
CA MET D 1197 24.73 -1.36 -2.39
C MET D 1197 25.04 -2.15 -1.13
N TYR D 1198 25.55 -1.45 -0.12
CA TYR D 1198 25.99 -2.06 1.13
C TYR D 1198 27.08 -3.11 0.88
N SER D 1199 27.97 -2.82 -0.06
CA SER D 1199 29.10 -3.69 -0.32
C SER D 1199 30.23 -3.39 0.66
N LEU D 1200 30.86 -4.45 1.16
CA LEU D 1200 31.93 -4.28 2.13
C LEU D 1200 33.14 -3.62 1.49
N LEU D 1201 33.76 -2.69 2.22
CA LEU D 1201 34.98 -2.03 1.77
C LEU D 1201 35.97 -2.02 2.92
N LEU D 1202 37.23 -2.28 2.60
CA LEU D 1202 38.32 -2.21 3.58
C LEU D 1202 39.16 -0.99 3.23
N ILE D 1203 38.98 0.09 3.99
CA ILE D 1203 39.66 1.35 3.73
C ILE D 1203 40.52 1.69 4.94
N ASP D 1204 41.84 1.74 4.73
CA ASP D 1204 42.79 2.13 5.76
C ASP D 1204 42.65 1.26 7.01
N GLY D 1205 42.36 -0.02 6.81
CA GLY D 1205 42.25 -0.96 7.89
C GLY D 1205 40.87 -1.05 8.52
N TYR D 1206 40.00 -0.09 8.26
CA TYR D 1206 38.65 -0.06 8.81
C TYR D 1206 37.66 -0.59 7.78
N TYR D 1207 36.69 -1.37 8.24
CA TYR D 1207 35.67 -1.93 7.38
C TYR D 1207 34.42 -1.05 7.41
N TYR D 1208 33.84 -0.82 6.24
CA TYR D 1208 32.66 0.02 6.11
C TYR D 1208 31.61 -0.71 5.26
N TYR D 1209 30.50 -0.02 5.02
CA TYR D 1209 29.48 -0.45 4.08
C TYR D 1209 29.22 0.69 3.10
N LEU D 1210 29.22 0.38 1.81
CA LEU D 1210 28.89 1.39 0.79
C LEU D 1210 27.38 1.45 0.70
N THR D 1211 26.79 2.28 1.56
CA THR D 1211 25.32 2.33 1.66
C THR D 1211 24.71 3.11 0.51
N GLY D 1212 25.17 4.34 0.30
CA GLY D 1212 24.61 5.20 -0.73
C GLY D 1212 25.62 6.21 -1.20
N ARG D 1213 25.16 7.45 -1.38
CA ARG D 1213 26.03 8.52 -1.83
C ARG D 1213 25.55 9.83 -1.26
N THR D 1214 26.47 10.78 -1.09
CA THR D 1214 26.21 12.09 -0.51
C THR D 1214 26.75 13.13 -1.48
N GLY D 1215 25.96 13.49 -2.48
CA GLY D 1215 26.42 14.44 -3.48
C GLY D 1215 27.67 13.95 -4.18
N GLY D 1216 28.81 14.59 -3.88
CA GLY D 1216 30.09 14.18 -4.40
C GLY D 1216 30.86 13.21 -3.53
N ASN D 1217 30.22 12.63 -2.52
CA ASN D 1217 30.86 11.72 -1.59
C ASN D 1217 30.20 10.34 -1.67
N LEU D 1218 30.61 9.45 -0.77
CA LEU D 1218 30.04 8.12 -0.64
C LEU D 1218 29.70 7.89 0.81
N SER D 1219 28.40 7.76 1.10
CA SER D 1219 27.98 7.50 2.47
C SER D 1219 28.43 6.11 2.91
N LEU D 1220 29.00 6.02 4.10
CA LEU D 1220 29.50 4.76 4.62
C LEU D 1220 28.92 4.51 6.01
N SER D 1221 28.80 3.24 6.37
CA SER D 1221 28.32 2.84 7.68
C SER D 1221 29.31 1.86 8.28
N ASN D 1222 29.36 1.81 9.61
CA ASN D 1222 30.31 0.94 10.29
C ASN D 1222 30.01 -0.52 9.95
N ALA D 1223 31.07 -1.26 9.62
CA ALA D 1223 30.97 -2.69 9.38
C ALA D 1223 31.76 -3.49 10.40
N VAL D 1224 32.31 -2.83 11.41
CA VAL D 1224 33.11 -3.45 12.45
C VAL D 1224 32.22 -3.63 13.68
N GLU D 1225 32.38 -4.75 14.37
CA GLU D 1225 31.58 -5.06 15.55
C GLU D 1225 32.33 -4.65 16.81
N LEU D 1226 31.66 -3.90 17.68
CA LEU D 1226 32.20 -3.60 18.99
C LEU D 1226 32.19 -4.86 19.86
N CYS D 1227 33.22 -4.99 20.69
CA CYS D 1227 33.34 -6.14 21.58
C CYS D 1227 33.80 -5.65 22.95
N LEU D 1228 32.86 -5.50 23.87
CA LEU D 1228 33.12 -5.13 25.24
C LEU D 1228 33.13 -6.37 26.12
N PRO D 1229 33.86 -6.32 27.25
CA PRO D 1229 33.95 -7.51 28.11
C PRO D 1229 32.58 -7.94 28.62
N ALA D 1230 32.46 -9.26 28.88
CA ALA D 1230 31.18 -9.86 29.21
C ALA D 1230 30.51 -9.25 30.43
N LYS D 1231 31.27 -8.66 31.35
CA LYS D 1231 30.68 -8.02 32.51
C LYS D 1231 29.91 -6.75 32.14
N GLU D 1232 30.44 -5.97 31.19
CA GLU D 1232 29.75 -4.76 30.76
C GLU D 1232 28.61 -5.04 29.80
N GLN D 1233 28.45 -6.29 29.34
CA GLN D 1233 27.27 -6.62 28.55
C GLN D 1233 26.00 -6.47 29.37
N ALA D 1234 26.04 -6.90 30.64
CA ALA D 1234 24.86 -6.80 31.49
C ALA D 1234 24.50 -5.35 31.78
N HIS D 1235 25.51 -4.50 32.00
CA HIS D 1235 25.23 -3.11 32.32
C HIS D 1235 24.58 -2.38 31.14
N ILE D 1236 25.06 -2.64 29.92
CA ILE D 1236 24.46 -2.01 28.74
C ILE D 1236 23.02 -2.48 28.57
N ARG D 1237 22.77 -3.78 28.73
CA ARG D 1237 21.40 -4.28 28.71
C ARG D 1237 20.55 -3.58 29.76
N MET D 1238 21.13 -3.28 30.93
CA MET D 1238 20.40 -2.60 31.99
C MET D 1238 20.32 -1.09 31.76
N ILE D 1239 21.28 -0.51 31.04
CA ILE D 1239 21.20 0.91 30.73
C ILE D 1239 20.04 1.19 29.79
N SER D 1240 19.81 0.30 28.83
CA SER D 1240 18.77 0.54 27.83
C SER D 1240 17.39 0.64 28.47
N LYS D 1241 17.11 -0.20 29.47
CA LYS D 1241 15.80 -0.20 30.11
C LYS D 1241 15.53 1.13 30.81
N ILE D 1242 16.54 1.69 31.48
CA ILE D 1242 16.37 3.00 32.11
C ILE D 1242 16.12 4.06 31.04
N ALA D 1243 16.88 4.04 29.96
CA ALA D 1243 16.62 4.96 28.85
C ALA D 1243 15.34 4.60 28.10
N GLY D 1244 14.88 3.36 28.22
CA GLY D 1244 13.67 2.91 27.55
C GLY D 1244 12.38 3.22 28.24
N GLY D 1245 12.42 3.88 29.40
CA GLY D 1245 11.21 4.24 30.11
C GLY D 1245 11.27 4.00 31.60
N ARG D 1246 12.03 3.00 32.02
CA ARG D 1246 12.11 2.69 33.44
C ARG D 1246 12.78 3.83 34.20
N SER D 1247 12.27 4.10 35.39
CA SER D 1247 12.68 5.27 36.18
C SER D 1247 13.73 4.88 37.20
N THR D 1248 14.74 5.74 37.36
CA THR D 1248 15.76 5.58 38.39
C THR D 1248 15.40 6.30 39.68
N ASP D 1249 14.26 6.99 39.72
CA ASP D 1249 13.85 7.69 40.93
C ASP D 1249 13.58 6.73 42.07
N ALA D 1250 12.92 5.61 41.77
CA ALA D 1250 12.59 4.60 42.79
C ALA D 1250 13.72 3.59 42.92
N LEU D 1251 14.91 4.12 43.23
CA LEU D 1251 16.11 3.31 43.38
C LEU D 1251 16.77 3.64 44.71
N SER D 1252 17.57 2.69 45.20
CA SER D 1252 18.29 2.89 46.46
C SER D 1252 19.23 4.08 46.35
N ALA D 1253 19.32 4.85 47.44
CA ALA D 1253 20.18 6.03 47.46
C ALA D 1253 21.65 5.69 47.29
N GLU D 1254 22.07 4.48 47.64
CA GLU D 1254 23.45 4.06 47.45
C GLU D 1254 23.64 3.10 46.29
N ALA D 1255 22.57 2.77 45.56
CA ALA D 1255 22.70 2.09 44.29
C ALA D 1255 22.73 3.06 43.11
N LYS D 1256 22.55 4.35 43.37
CA LYS D 1256 22.54 5.36 42.31
C LYS D 1256 23.90 6.00 42.12
N ASP D 1257 24.71 6.13 43.18
CA ASP D 1257 26.09 6.54 43.00
C ASP D 1257 26.88 5.44 42.29
N ASP D 1258 26.52 4.18 42.54
CA ASP D 1258 27.08 3.08 41.75
C ASP D 1258 26.68 3.22 40.28
N PHE D 1259 25.48 3.73 40.03
CA PHE D 1259 25.03 3.96 38.65
C PHE D 1259 25.95 4.93 37.93
N ARG D 1260 26.30 6.04 38.58
CA ARG D 1260 27.16 7.03 37.94
C ARG D 1260 28.55 6.46 37.67
N LYS D 1261 29.10 5.71 38.62
CA LYS D 1261 30.45 5.19 38.46
C LYS D 1261 30.51 4.12 37.39
N LYS D 1262 29.53 3.21 37.35
CA LYS D 1262 29.49 2.20 36.29
C LYS D 1262 29.30 2.86 34.93
N ASN D 1263 28.43 3.86 34.86
CA ASN D 1263 28.30 4.64 33.62
C ASN D 1263 29.60 5.35 33.29
N LEU D 1264 30.30 5.86 34.30
CA LEU D 1264 31.57 6.53 34.07
C LEU D 1264 32.62 5.58 33.51
N ARG D 1265 32.67 4.36 34.05
CA ARG D 1265 33.66 3.39 33.57
C ARG D 1265 33.38 3.02 32.11
N LEU D 1266 32.10 2.85 31.75
CA LEU D 1266 31.76 2.50 30.38
C LEU D 1266 32.15 3.61 29.41
N TYR D 1267 31.79 4.85 29.74
CA TYR D 1267 32.19 5.98 28.89
C TYR D 1267 33.70 6.09 28.83
N ASP D 1268 34.38 5.75 29.93
CA ASP D 1268 35.84 5.77 29.91
C ASP D 1268 36.40 4.62 29.09
N GLU D 1269 35.74 3.46 29.12
CA GLU D 1269 36.17 2.35 28.29
C GLU D 1269 35.86 2.59 26.82
N LEU D 1270 34.65 3.08 26.52
CA LEU D 1270 34.29 3.40 25.14
C LEU D 1270 35.11 4.54 24.57
N ALA D 1271 35.77 5.32 25.42
CA ALA D 1271 36.70 6.34 24.95
C ALA D 1271 38.06 5.77 24.57
N GLU D 1272 38.32 4.51 24.94
CA GLU D 1272 39.57 3.84 24.59
C GLU D 1272 39.50 3.07 23.29
N LYS D 1273 38.36 2.40 23.02
CA LYS D 1273 38.22 1.71 21.75
C LYS D 1273 38.26 2.68 20.58
N HIS D 1274 37.77 3.90 20.77
CA HIS D 1274 37.88 4.92 19.74
C HIS D 1274 39.22 5.62 19.74
N ARG D 1275 40.13 5.24 20.65
CA ARG D 1275 41.43 5.89 20.77
C ARG D 1275 42.57 4.99 20.29
N SER D 1276 42.71 3.79 20.87
CA SER D 1276 43.76 2.85 20.48
C SER D 1276 43.11 1.49 20.26
N THR D 1277 42.54 1.30 19.07
CA THR D 1277 41.91 0.04 18.66
C THR D 1277 41.62 0.18 17.16
N ILE D 1278 40.94 -0.83 16.60
CA ILE D 1278 40.53 -0.77 15.21
C ILE D 1278 39.59 0.41 14.98
N PHE D 1279 38.78 0.75 15.98
CA PHE D 1279 37.83 1.86 15.85
C PHE D 1279 38.49 3.22 15.85
N SER D 1280 39.83 3.28 15.90
CA SER D 1280 40.55 4.54 15.79
C SER D 1280 40.96 4.88 14.38
N LYS D 1281 40.73 3.97 13.42
CA LYS D 1281 41.13 4.18 12.04
C LYS D 1281 40.00 4.71 11.16
N ARG D 1282 38.84 5.00 11.75
CA ARG D 1282 37.71 5.49 10.98
C ARG D 1282 38.00 6.87 10.39
N LYS D 1283 37.11 7.31 9.52
CA LYS D 1283 37.05 8.69 9.11
C LYS D 1283 36.14 9.44 10.08
N ASN D 1284 36.47 10.70 10.35
CA ASN D 1284 35.78 11.48 11.38
C ASN D 1284 35.78 10.73 12.70
N PRO D 1285 36.93 10.63 13.38
CA PRO D 1285 36.98 9.86 14.63
C PRO D 1285 36.19 10.53 15.75
N ILE D 1286 35.82 9.70 16.73
CA ILE D 1286 35.01 10.16 17.84
C ILE D 1286 35.77 10.19 19.16
N GLY D 1287 36.89 9.49 19.28
CA GLY D 1287 37.64 9.42 20.51
C GLY D 1287 38.07 10.78 21.04
N PRO D 1288 38.67 11.61 20.18
CA PRO D 1288 38.99 12.98 20.61
C PRO D 1288 37.78 13.74 21.13
N LYS D 1289 36.62 13.59 20.50
CA LYS D 1289 35.42 14.29 20.96
C LYS D 1289 34.83 13.61 22.20
N LEU D 1290 35.01 12.31 22.34
CA LEU D 1290 34.49 11.61 23.51
C LEU D 1290 35.15 12.13 24.79
N LEU D 1291 36.46 12.33 24.76
CA LEU D 1291 37.16 12.94 25.90
C LEU D 1291 36.77 14.40 26.07
N LYS D 1292 36.42 15.07 24.98
CA LYS D 1292 36.10 16.50 25.06
C LYS D 1292 34.86 16.74 25.92
N TYR D 1293 33.84 15.90 25.78
CA TYR D 1293 32.60 16.05 26.53
C TYR D 1293 32.57 15.22 27.80
N ARG D 1294 33.72 14.82 28.32
CA ARG D 1294 33.74 13.95 29.51
C ARG D 1294 33.20 14.67 30.73
N GLU D 1295 33.50 15.96 30.88
CA GLU D 1295 33.01 16.71 32.03
C GLU D 1295 31.51 16.89 32.01
N ALA D 1296 30.87 16.79 30.85
CA ALA D 1296 29.42 16.87 30.78
C ALA D 1296 28.75 15.52 31.02
N PHE D 1297 29.51 14.43 30.98
CA PHE D 1297 28.92 13.12 31.26
C PHE D 1297 28.67 12.95 32.75
N VAL D 1298 29.58 13.44 33.60
CA VAL D 1298 29.36 13.38 35.04
C VAL D 1298 28.27 14.38 35.45
N LYS D 1299 28.32 15.59 34.90
CA LYS D 1299 27.43 16.68 35.32
C LYS D 1299 26.08 16.61 34.63
N GLN D 1300 25.44 15.43 34.70
CA GLN D 1300 24.11 15.25 34.14
C GLN D 1300 23.38 14.21 34.99
N THR D 1301 22.06 14.18 34.83
CA THR D 1301 21.24 13.22 35.55
C THR D 1301 21.48 11.81 35.03
N ILE D 1302 20.97 10.83 35.78
CA ILE D 1302 21.18 9.43 35.42
C ILE D 1302 20.50 9.12 34.09
N GLU D 1303 19.26 9.58 33.92
CA GLU D 1303 18.54 9.28 32.69
C GLU D 1303 19.21 9.91 31.48
N ASN D 1304 19.66 11.17 31.61
CA ASN D 1304 20.29 11.84 30.48
C ASN D 1304 21.67 11.29 30.18
N GLN D 1305 22.40 10.85 31.21
CA GLN D 1305 23.73 10.28 30.98
C GLN D 1305 23.66 8.82 30.57
N CYS D 1306 22.48 8.21 30.54
CA CYS D 1306 22.30 6.88 29.98
C CYS D 1306 21.67 6.92 28.59
N LYS D 1307 21.10 8.06 28.19
CA LYS D 1307 20.61 8.24 26.83
C LYS D 1307 21.72 8.63 25.86
N VAL D 1308 22.92 8.88 26.34
CA VAL D 1308 24.06 9.23 25.49
C VAL D 1308 24.95 8.01 25.35
N ILE D 1309 24.90 7.11 26.33
CA ILE D 1309 25.65 5.85 26.21
C ILE D 1309 25.09 5.01 25.07
N LEU D 1310 23.76 4.93 24.97
CA LEU D 1310 23.15 4.23 23.84
C LEU D 1310 23.42 4.97 22.53
N GLN D 1311 23.40 6.30 22.56
CA GLN D 1311 23.73 7.07 21.37
C GLN D 1311 25.17 6.86 20.95
N ILE D 1312 26.07 6.73 21.93
CA ILE D 1312 27.46 6.40 21.61
C ILE D 1312 27.54 5.03 20.96
N LEU D 1313 26.78 4.06 21.49
CA LEU D 1313 26.79 2.72 20.93
C LEU D 1313 26.22 2.67 19.52
N LYS D 1314 25.49 3.71 19.10
CA LYS D 1314 25.02 3.77 17.72
C LYS D 1314 26.16 4.01 16.73
N LEU D 1315 27.35 4.34 17.21
CA LEU D 1315 28.48 4.61 16.34
C LEU D 1315 29.28 3.36 16.00
N THR D 1316 29.01 2.24 16.66
CA THR D 1316 29.71 0.98 16.41
C THR D 1316 28.71 -0.14 16.17
N SER D 1317 27.55 0.19 15.61
CA SER D 1317 26.51 -0.78 15.30
C SER D 1317 26.37 -0.90 13.79
N THR D 1318 26.33 -2.14 13.29
CA THR D 1318 26.21 -2.37 11.86
C THR D 1318 24.76 -2.35 11.38
N ASN D 1319 23.79 -2.42 12.29
CA ASN D 1319 22.39 -2.45 11.88
C ASN D 1319 21.90 -1.10 11.40
N CYS D 1320 22.39 -0.01 12.00
CA CYS D 1320 21.91 1.32 11.68
C CYS D 1320 23.02 2.14 11.05
N LYS D 1321 22.62 3.20 10.35
CA LYS D 1321 23.59 4.14 9.81
C LYS D 1321 24.34 4.82 10.96
N THR D 1322 25.65 4.95 10.80
CA THR D 1322 26.50 5.44 11.89
C THR D 1322 26.24 6.92 12.13
N SER D 1323 25.59 7.23 13.24
CA SER D 1323 25.36 8.60 13.68
C SER D 1323 24.94 8.54 15.14
N ALA D 1324 25.15 9.64 15.85
CA ALA D 1324 24.89 9.68 17.29
C ALA D 1324 24.23 10.98 17.68
N ASP D 1325 23.29 10.90 18.62
CA ASP D 1325 22.64 12.08 19.19
C ASP D 1325 23.29 12.43 20.52
N LEU D 1326 24.55 12.82 20.45
CA LEU D 1326 25.30 13.22 21.64
C LEU D 1326 25.13 14.71 21.92
N LYS D 1327 23.89 15.17 21.97
CA LYS D 1327 23.61 16.58 22.23
C LYS D 1327 23.45 16.90 23.71
N LEU D 1328 23.07 15.90 24.52
CA LEU D 1328 22.97 16.13 25.96
C LEU D 1328 24.34 16.48 26.54
N ILE D 1329 25.39 15.79 26.09
CA ILE D 1329 26.74 16.07 26.59
C ILE D 1329 27.40 17.24 25.89
N GLY D 1330 26.73 17.87 24.94
CA GLY D 1330 27.21 19.08 24.32
C GLY D 1330 27.73 18.96 22.90
N GLY D 1331 27.34 17.93 22.16
CA GLY D 1331 27.80 17.77 20.80
C GLY D 1331 26.76 18.14 19.77
N SER D 1332 26.30 17.16 19.01
CA SER D 1332 25.32 17.40 17.97
C SER D 1332 24.41 16.19 17.84
N GLY D 1333 23.20 16.41 17.33
CA GLY D 1333 22.25 15.33 17.14
C GLY D 1333 22.57 14.37 16.03
N GLN D 1334 23.31 14.81 15.01
CA GLN D 1334 23.77 13.96 13.91
C GLN D 1334 25.29 14.02 13.93
N GLU D 1335 25.90 13.16 14.74
CA GLU D 1335 27.33 13.23 15.01
C GLU D 1335 27.96 11.87 14.74
N GLY D 1336 29.11 11.88 14.08
CA GLY D 1336 29.84 10.68 13.78
C GLY D 1336 29.66 10.13 12.38
N VAL D 1337 28.95 10.83 11.51
CA VAL D 1337 28.76 10.34 10.14
C VAL D 1337 30.09 10.40 9.40
N MET D 1338 30.44 9.30 8.76
CA MET D 1338 31.69 9.19 8.02
C MET D 1338 31.40 9.02 6.55
N SER D 1339 32.10 9.80 5.71
CA SER D 1339 31.76 9.88 4.30
C SER D 1339 33.02 10.28 3.54
N ILE D 1340 33.62 9.31 2.86
CA ILE D 1340 34.83 9.54 2.08
C ILE D 1340 34.47 10.19 0.76
N SER D 1341 35.46 10.69 0.04
CA SER D 1341 35.23 11.31 -1.25
C SER D 1341 34.93 10.27 -2.32
N LYS D 1342 34.40 10.73 -3.45
CA LYS D 1342 34.05 9.84 -4.55
C LYS D 1342 35.28 9.27 -5.23
N LEU D 1343 36.41 9.97 -5.17
CA LEU D 1343 37.59 9.64 -5.96
C LEU D 1343 38.58 8.85 -5.13
N LEU D 1344 39.07 7.74 -5.70
CA LEU D 1344 40.01 6.85 -5.02
C LEU D 1344 41.43 7.20 -5.44
N ARG D 1345 41.97 8.27 -4.85
CA ARG D 1345 43.35 8.63 -5.10
C ARG D 1345 44.28 7.65 -4.42
N ALA D 1346 45.27 7.15 -5.18
CA ALA D 1346 46.19 6.14 -4.66
C ALA D 1346 47.05 6.65 -3.52
N GLU D 1347 47.28 7.97 -3.45
CA GLU D 1347 48.09 8.55 -2.38
C GLU D 1347 47.28 8.88 -1.13
N LYS D 1348 45.97 9.11 -1.27
CA LYS D 1348 45.15 9.45 -0.11
C LYS D 1348 44.91 8.22 0.77
N TYR D 1349 44.69 7.07 0.17
CA TYR D 1349 44.36 5.85 0.89
C TYR D 1349 45.54 4.89 0.82
N ALA D 1350 45.97 4.39 1.98
CA ALA D 1350 46.98 3.36 2.01
C ALA D 1350 46.48 2.03 1.47
N GLU D 1351 45.18 1.79 1.55
CA GLU D 1351 44.57 0.59 1.01
C GLU D 1351 43.08 0.85 0.80
N PHE D 1352 42.53 0.22 -0.22
CA PHE D 1352 41.10 0.35 -0.53
C PHE D 1352 40.69 -0.90 -1.29
N TYR D 1353 40.04 -1.82 -0.59
CA TYR D 1353 39.65 -3.10 -1.16
C TYR D 1353 38.13 -3.16 -1.33
N LEU D 1354 37.68 -4.29 -1.85
CA LEU D 1354 36.26 -4.60 -1.98
C LEU D 1354 36.13 -6.09 -1.69
N ILE D 1355 35.64 -6.42 -0.50
CA ILE D 1355 35.54 -7.81 -0.06
C ILE D 1355 34.23 -8.35 -0.56
N CYS D 1356 34.27 -9.13 -1.62
CA CYS D 1356 33.09 -9.78 -2.19
C CYS D 1356 32.91 -11.11 -1.47
N GLN D 1357 31.95 -11.16 -0.57
CA GLN D 1357 31.73 -12.35 0.25
C GLN D 1357 30.43 -13.02 -0.16
N SER D 1358 30.45 -14.35 -0.21
CA SER D 1358 29.26 -15.12 -0.45
C SER D 1358 28.35 -15.05 0.77
N PRO D 1359 27.06 -15.40 0.62
CA PRO D 1359 26.12 -15.21 1.74
C PRO D 1359 26.55 -15.85 3.05
N SER D 1360 27.13 -17.05 3.01
CA SER D 1360 27.66 -17.63 4.23
C SER D 1360 28.98 -16.98 4.65
N GLY D 1361 29.63 -16.26 3.74
CA GLY D 1361 30.94 -15.69 4.00
C GLY D 1361 32.08 -16.66 3.83
N ILE D 1362 31.80 -17.93 3.49
CA ILE D 1362 32.86 -18.92 3.37
C ILE D 1362 33.85 -18.52 2.29
N TYR D 1363 33.36 -18.03 1.16
CA TYR D 1363 34.19 -17.62 0.04
C TYR D 1363 34.25 -16.11 0.01
N GLU D 1364 35.43 -15.56 0.24
CA GLU D 1364 35.69 -14.13 0.11
C GLU D 1364 36.56 -13.89 -1.12
N THR D 1365 36.50 -12.66 -1.62
CA THR D 1365 37.32 -12.26 -2.75
C THR D 1365 37.62 -10.78 -2.60
N ARG D 1366 38.87 -10.45 -2.30
CA ARG D 1366 39.29 -9.07 -2.14
C ARG D 1366 39.77 -8.54 -3.48
N LYS D 1367 39.11 -7.50 -3.98
CA LYS D 1367 39.46 -6.87 -5.24
C LYS D 1367 40.04 -5.49 -4.92
N ASN D 1368 41.36 -5.35 -5.09
CA ASN D 1368 42.01 -4.09 -4.78
C ASN D 1368 41.51 -3.02 -5.74
N LEU D 1369 40.66 -2.12 -5.25
CA LEU D 1369 40.06 -1.11 -6.11
C LEU D 1369 41.09 -0.12 -6.64
N LEU D 1370 42.25 -0.02 -6.00
CA LEU D 1370 43.33 0.82 -6.52
C LEU D 1370 44.05 0.16 -7.69
N THR D 1371 43.92 -1.17 -7.83
CA THR D 1371 44.58 -1.89 -8.92
C THR D 1371 43.56 -2.52 -9.88
N ILE D 1372 42.65 -3.35 -9.37
CA ILE D 1372 41.65 -3.98 -10.22
C ILE D 1372 40.32 -3.27 -10.09
#